data_4M61
#
_entry.id   4M61
#
_cell.length_a   52.784
_cell.length_b   61.380
_cell.length_c   121.223
_cell.angle_alpha   90.00
_cell.angle_beta   96.51
_cell.angle_gamma   90.00
#
_symmetry.space_group_name_H-M   'P 1 21 1'
#
loop_
_entity.id
_entity.type
_entity.pdbx_description
1 polymer 'Fab A52 light chain'
2 polymer 'Fab A52 heavy chain'
3 non-polymer 'SULFATE ION'
4 water water
#
loop_
_entity_poly.entity_id
_entity_poly.type
_entity_poly.pdbx_seq_one_letter_code
_entity_poly.pdbx_strand_id
1 'polypeptide(L)'
;NIMMTQSPSSLAVSAGEKVTMSCKSSQSVLYSSNQKNYLAWYQQKPGQSPKLLIYWASTRESGVPDRFTGSGSGTDFTLT
ISSVQAEDLAVYYCHQHLSSWTFGGGTKLEIKRADAAPTVSIFPPSSEQLTSGGASVVCFLNNFYPKDINVKWKIDGSER
QNGVLNSWTDQDSKDSTYSMSSTLTLTKDEYERHNSYTCEATHATSTSPIVKSFNRNEC
;
A,C
2 'polypeptide(L)'
;EIQLQQSGAELVKPGASVKISCKASGYSFTGYNMNWVKQSHGKSLEWIGKINPYYGSTSYNQKFKGQATLTVDKSSSTAY
MQLNSLTSEDSAVYYCARGRLRRGGYFDYWGQGTTLTVSSAKTTPPSVYPLAPGCGDTTGSSVTLGCLVKGYFPESVTVT
WNSGSLSSSVHTFPALLQSGLYTMSSSVTVPSSTWPSQTVTCSVAHPASSTTVDKKLEPS
;
B,D
#
loop_
_chem_comp.id
_chem_comp.type
_chem_comp.name
_chem_comp.formula
SO4 non-polymer 'SULFATE ION' 'O4 S -2'
#
# COMPACT_ATOMS: atom_id res chain seq x y z
N ASN A 1 -5.08 -1.32 -2.58
CA ASN A 1 -5.20 -1.87 -1.23
C ASN A 1 -3.84 -2.20 -0.60
N ILE A 2 -3.77 -3.28 0.18
CA ILE A 2 -2.49 -3.76 0.68
C ILE A 2 -2.29 -5.21 0.25
N MET A 3 -1.33 -5.44 -0.64
CA MET A 3 -1.05 -6.78 -1.14
C MET A 3 0.09 -7.42 -0.35
N MET A 4 -0.03 -8.72 -0.11
CA MET A 4 0.95 -9.46 0.65
C MET A 4 1.63 -10.47 -0.27
N THR A 5 2.97 -10.44 -0.29
CA THR A 5 3.76 -11.35 -1.11
C THR A 5 4.63 -12.23 -0.22
N GLN A 6 4.43 -13.53 -0.29
CA GLN A 6 5.25 -14.48 0.46
C GLN A 6 6.26 -15.20 -0.41
N SER A 7 7.39 -15.53 0.21
CA SER A 7 8.43 -16.34 -0.42
C SER A 7 9.10 -17.23 0.62
N PRO A 8 9.50 -18.47 0.23
CA PRO A 8 9.31 -19.08 -1.08
C PRO A 8 7.91 -19.65 -1.18
N SER A 9 7.50 -20.06 -2.38
CA SER A 9 6.17 -20.64 -2.54
C SER A 9 6.11 -21.97 -1.82
N SER A 10 7.23 -22.68 -1.83
CA SER A 10 7.34 -23.93 -1.12
C SER A 10 8.79 -24.21 -0.81
N LEU A 11 9.02 -25.00 0.22
CA LEU A 11 10.36 -25.46 0.50
C LEU A 11 10.30 -26.77 1.27
N ALA A 12 11.37 -27.54 1.18
CA ALA A 12 11.46 -28.81 1.87
C ALA A 12 12.73 -28.76 2.70
N VAL A 13 12.64 -29.15 3.97
CA VAL A 13 13.83 -29.29 4.79
C VAL A 13 13.67 -30.52 5.67
N SER A 14 14.79 -31.01 6.16
CA SER A 14 14.79 -32.13 7.09
CA SER A 14 14.78 -32.13 7.10
C SER A 14 14.39 -31.63 8.46
N ALA A 15 13.81 -32.53 9.26
CA ALA A 15 13.57 -32.20 10.65
C ALA A 15 14.90 -31.77 11.26
N GLY A 16 14.85 -30.71 12.08
CA GLY A 16 16.03 -30.20 12.75
C GLY A 16 16.71 -29.02 12.08
N GLU A 17 16.26 -28.67 10.88
CA GLU A 17 16.80 -27.53 10.16
C GLU A 17 15.98 -26.28 10.52
N LYS A 18 16.63 -25.12 10.44
CA LYS A 18 15.95 -23.83 10.68
C LYS A 18 15.43 -23.33 9.35
N VAL A 19 14.26 -22.71 9.37
CA VAL A 19 13.68 -22.15 8.17
CA VAL A 19 13.68 -22.16 8.16
C VAL A 19 13.23 -20.72 8.41
N THR A 20 13.47 -19.83 7.46
CA THR A 20 12.94 -18.47 7.52
C THR A 20 12.10 -18.24 6.27
N MET A 21 10.83 -17.89 6.45
CA MET A 21 10.03 -17.52 5.31
C MET A 21 9.66 -16.06 5.41
N SER A 22 9.42 -15.43 4.26
CA SER A 22 9.23 -13.98 4.25
C SER A 22 7.83 -13.59 3.85
N CYS A 23 7.44 -12.38 4.28
CA CYS A 23 6.17 -11.78 3.91
C CYS A 23 6.40 -10.30 3.72
N LYS A 24 6.08 -9.80 2.54
CA LYS A 24 6.24 -8.37 2.24
C LYS A 24 4.88 -7.73 1.98
N SER A 25 4.63 -6.59 2.62
CA SER A 25 3.38 -5.86 2.32
C SER A 25 3.66 -4.69 1.38
N SER A 26 2.68 -4.39 0.53
CA SER A 26 2.83 -3.33 -0.47
C SER A 26 2.73 -1.93 0.15
N GLN A 27 2.18 -1.84 1.36
CA GLN A 27 2.18 -0.60 2.14
C GLN A 27 2.55 -0.96 3.56
N SER A 28 2.96 0.03 4.35
CA SER A 28 3.26 -0.22 5.75
C SER A 28 2.01 -0.69 6.49
N VAL A 29 2.17 -1.70 7.34
CA VAL A 29 1.08 -2.14 8.20
C VAL A 29 1.33 -1.74 9.67
N LEU A 30 2.30 -0.84 9.87
CA LEU A 30 2.62 -0.32 11.20
C LEU A 30 1.66 0.83 11.50
N TYR A 31 0.72 0.60 12.42
CA TYR A 31 -0.30 1.59 12.77
C TYR A 31 0.32 2.75 13.55
N SER A 32 0.24 3.95 12.97
CA SER A 32 0.87 5.14 13.52
C SER A 32 0.58 5.40 14.99
N SER A 33 -0.68 5.22 15.40
CA SER A 33 -1.12 5.63 16.74
C SER A 33 -0.70 4.72 17.91
N ASN A 34 -0.55 3.43 17.67
CA ASN A 34 -0.08 2.56 18.74
C ASN A 34 1.27 1.89 18.46
N GLN A 35 1.86 2.19 17.29
CA GLN A 35 3.14 1.61 16.86
C GLN A 35 3.13 0.09 16.91
N LYS A 36 1.98 -0.50 16.59
CA LYS A 36 1.90 -1.95 16.45
C LYS A 36 1.83 -2.31 14.97
N ASN A 37 2.45 -3.42 14.59
CA ASN A 37 2.34 -3.89 13.22
C ASN A 37 1.16 -4.83 13.10
N TYR A 38 0.18 -4.47 12.26
CA TYR A 38 -1.04 -5.26 12.11
C TYR A 38 -0.84 -6.40 11.09
N LEU A 39 -0.01 -7.35 11.52
CA LEU A 39 0.51 -8.43 10.69
C LEU A 39 0.37 -9.70 11.54
N ALA A 40 -0.28 -10.72 10.98
CA ALA A 40 -0.43 -12.00 11.69
C ALA A 40 0.06 -13.16 10.85
N TRP A 41 0.39 -14.26 11.51
CA TRP A 41 0.78 -15.46 10.78
C TRP A 41 -0.12 -16.63 11.15
N TYR A 42 -0.54 -17.39 10.13
CA TYR A 42 -1.39 -18.59 10.33
C TYR A 42 -0.72 -19.84 9.82
N GLN A 43 -1.01 -20.95 10.49
CA GLN A 43 -0.54 -22.27 10.08
C GLN A 43 -1.75 -23.09 9.64
N GLN A 44 -1.72 -23.68 8.45
CA GLN A 44 -2.82 -24.53 8.01
C GLN A 44 -2.31 -25.92 7.64
N LYS A 45 -2.58 -26.86 8.53
CA LYS A 45 -2.18 -28.25 8.31
C LYS A 45 -3.17 -28.97 7.38
N PRO A 46 -2.73 -30.08 6.75
CA PRO A 46 -3.63 -30.86 5.88
C PRO A 46 -4.98 -31.17 6.51
N GLY A 47 -6.04 -30.88 5.79
CA GLY A 47 -7.39 -31.19 6.21
C GLY A 47 -7.94 -30.29 7.31
N GLN A 48 -7.16 -29.29 7.72
CA GLN A 48 -7.55 -28.45 8.85
C GLN A 48 -7.79 -27.00 8.47
N SER A 49 -8.46 -26.28 9.35
CA SER A 49 -8.61 -24.84 9.21
CA SER A 49 -8.61 -24.84 9.19
C SER A 49 -7.32 -24.14 9.62
N PRO A 50 -7.11 -22.91 9.14
CA PRO A 50 -5.93 -22.17 9.62
C PRO A 50 -5.99 -21.96 11.13
N LYS A 51 -4.81 -21.88 11.75
CA LYS A 51 -4.68 -21.62 13.17
C LYS A 51 -3.75 -20.42 13.38
N LEU A 52 -4.12 -19.49 14.27
CA LEU A 52 -3.28 -18.33 14.55
C LEU A 52 -2.00 -18.73 15.28
N LEU A 53 -0.85 -18.32 14.73
CA LEU A 53 0.44 -18.53 15.37
C LEU A 53 0.96 -17.26 16.04
N ILE A 54 0.97 -16.17 15.29
CA ILE A 54 1.64 -14.94 15.71
C ILE A 54 0.74 -13.76 15.38
N TYR A 55 0.60 -12.80 16.30
CA TYR A 55 -0.09 -11.53 16.00
C TYR A 55 0.80 -10.34 16.38
N TRP A 56 0.42 -9.14 15.93
CA TRP A 56 1.23 -7.92 16.07
C TRP A 56 2.67 -8.19 15.66
N ALA A 57 2.82 -8.93 14.56
CA ALA A 57 4.13 -9.30 13.98
C ALA A 57 5.01 -10.24 14.78
N SER A 58 5.04 -10.07 16.10
CA SER A 58 6.02 -10.79 16.93
C SER A 58 5.48 -11.43 18.20
N THR A 59 4.18 -11.32 18.45
CA THR A 59 3.65 -11.89 19.68
C THR A 59 3.10 -13.29 19.44
N ARG A 60 3.68 -14.27 20.11
CA ARG A 60 3.23 -15.65 19.99
C ARG A 60 1.86 -15.86 20.63
N GLU A 61 0.93 -16.45 19.88
CA GLU A 61 -0.37 -16.80 20.44
C GLU A 61 -0.21 -17.86 21.53
N SER A 62 -1.03 -17.80 22.58
CA SER A 62 -0.97 -18.79 23.65
C SER A 62 -1.08 -20.21 23.10
N GLY A 63 -0.22 -21.10 23.58
CA GLY A 63 -0.23 -22.48 23.15
C GLY A 63 0.73 -22.81 22.03
N VAL A 64 1.17 -21.79 21.30
CA VAL A 64 2.06 -21.99 20.14
C VAL A 64 3.48 -22.26 20.61
N PRO A 65 4.12 -23.33 20.08
CA PRO A 65 5.48 -23.68 20.51
C PRO A 65 6.49 -22.55 20.34
N ASP A 66 7.47 -22.47 21.23
CA ASP A 66 8.50 -21.43 21.16
C ASP A 66 9.35 -21.45 19.89
N ARG A 67 9.34 -22.57 19.15
CA ARG A 67 10.17 -22.62 17.95
C ARG A 67 9.66 -21.71 16.84
N PHE A 68 8.42 -21.21 16.94
CA PHE A 68 7.89 -20.25 15.97
C PHE A 68 8.15 -18.83 16.46
N THR A 69 8.87 -18.04 15.66
CA THR A 69 9.10 -16.64 15.99
CA THR A 69 9.13 -16.65 15.99
C THR A 69 8.75 -15.75 14.82
N GLY A 70 7.95 -14.71 15.09
CA GLY A 70 7.66 -13.73 14.07
C GLY A 70 8.53 -12.50 14.30
N SER A 71 9.04 -11.92 13.22
CA SER A 71 9.85 -10.70 13.28
C SER A 71 9.53 -9.73 12.15
N GLY A 72 10.02 -8.51 12.28
CA GLY A 72 9.91 -7.54 11.21
C GLY A 72 9.10 -6.32 11.61
N SER A 73 9.02 -5.36 10.70
CA SER A 73 8.26 -4.13 10.93
C SER A 73 7.98 -3.44 9.62
N GLY A 74 6.95 -2.60 9.57
CA GLY A 74 6.65 -1.81 8.40
C GLY A 74 6.07 -2.62 7.26
N THR A 75 6.93 -2.97 6.29
CA THR A 75 6.55 -3.76 5.13
C THR A 75 7.24 -5.13 5.08
N ASP A 76 8.25 -5.32 5.91
CA ASP A 76 9.14 -6.47 5.79
C ASP A 76 9.05 -7.41 6.98
N PHE A 77 8.55 -8.63 6.77
CA PHE A 77 8.31 -9.53 7.90
C PHE A 77 8.84 -10.93 7.64
N THR A 78 9.18 -11.64 8.70
CA THR A 78 9.60 -13.04 8.56
C THR A 78 8.96 -13.92 9.62
N LEU A 79 8.79 -15.19 9.30
CA LEU A 79 8.43 -16.21 10.29
C LEU A 79 9.56 -17.21 10.30
N THR A 80 10.12 -17.46 11.48
CA THR A 80 11.23 -18.41 11.60
C THR A 80 10.77 -19.62 12.42
N ILE A 81 11.14 -20.81 11.96
CA ILE A 81 10.98 -22.01 12.79
C ILE A 81 12.40 -22.44 13.13
N SER A 82 12.74 -22.41 14.40
CA SER A 82 14.16 -22.55 14.81
C SER A 82 14.69 -23.95 14.53
N SER A 83 13.82 -24.94 14.67
CA SER A 83 14.19 -26.32 14.43
C SER A 83 12.93 -27.03 14.00
N VAL A 84 12.82 -27.31 12.70
CA VAL A 84 11.59 -27.89 12.15
C VAL A 84 11.30 -29.27 12.74
N GLN A 85 10.03 -29.52 13.08
CA GLN A 85 9.61 -30.86 13.49
C GLN A 85 8.71 -31.47 12.44
N ALA A 86 8.60 -32.80 12.46
CA ALA A 86 7.72 -33.50 11.53
C ALA A 86 6.31 -32.93 11.46
N GLU A 87 5.75 -32.56 12.60
CA GLU A 87 4.37 -32.09 12.66
C GLU A 87 4.19 -30.70 12.06
N ASP A 88 5.28 -30.04 11.68
CA ASP A 88 5.17 -28.66 11.19
C ASP A 88 4.83 -28.52 9.72
N LEU A 89 4.68 -29.65 9.02
CA LEU A 89 4.28 -29.55 7.63
C LEU A 89 2.90 -28.88 7.56
N ALA A 90 2.81 -27.85 6.72
CA ALA A 90 1.63 -26.97 6.68
C ALA A 90 1.84 -25.96 5.59
N VAL A 91 0.78 -25.22 5.27
CA VAL A 91 0.95 -23.98 4.55
C VAL A 91 0.89 -22.86 5.56
N TYR A 92 1.85 -21.94 5.48
CA TYR A 92 1.92 -20.78 6.39
C TYR A 92 1.51 -19.53 5.65
N TYR A 93 0.58 -18.79 6.22
CA TYR A 93 0.06 -17.58 5.57
C TYR A 93 0.33 -16.37 6.42
N CYS A 94 0.72 -15.26 5.80
CA CYS A 94 0.70 -14.00 6.52
C CYS A 94 -0.58 -13.23 6.19
N HIS A 95 -0.89 -12.24 7.03
CA HIS A 95 -2.18 -11.58 7.00
C HIS A 95 -1.98 -10.18 7.51
N GLN A 96 -2.56 -9.19 6.83
CA GLN A 96 -2.63 -7.84 7.40
C GLN A 96 -4.06 -7.43 7.65
N HIS A 97 -4.24 -6.61 8.68
CA HIS A 97 -5.58 -6.18 9.10
C HIS A 97 -5.58 -4.69 9.41
N LEU A 98 -4.66 -3.95 8.79
CA LEU A 98 -4.65 -2.48 8.95
C LEU A 98 -5.62 -1.78 8.00
N SER A 99 -5.57 -2.17 6.73
CA SER A 99 -6.47 -1.63 5.71
C SER A 99 -7.26 -2.78 5.10
N SER A 100 -8.52 -2.89 5.51
CA SER A 100 -9.31 -4.10 5.23
C SER A 100 -8.54 -5.32 5.76
N TRP A 101 -8.78 -6.46 5.14
CA TRP A 101 -8.12 -7.72 5.52
C TRP A 101 -7.64 -8.43 4.27
N THR A 102 -6.35 -8.73 4.19
CA THR A 102 -5.81 -9.46 3.06
C THR A 102 -4.81 -10.51 3.54
N PHE A 103 -4.55 -11.48 2.67
CA PHE A 103 -3.63 -12.57 2.98
C PHE A 103 -2.56 -12.72 1.92
N GLY A 104 -1.42 -13.24 2.35
CA GLY A 104 -0.38 -13.65 1.42
C GLY A 104 -0.77 -14.93 0.70
N GLY A 105 0.05 -15.33 -0.27
CA GLY A 105 -0.26 -16.50 -1.07
C GLY A 105 0.17 -17.80 -0.43
N GLY A 106 0.91 -17.72 0.67
CA GLY A 106 1.27 -18.93 1.39
C GLY A 106 2.66 -19.48 1.08
N THR A 107 3.26 -20.09 2.09
CA THR A 107 4.50 -20.84 1.91
C THR A 107 4.22 -22.27 2.34
N LYS A 108 4.39 -23.22 1.43
CA LYS A 108 4.14 -24.63 1.77
C LYS A 108 5.43 -25.27 2.29
N LEU A 109 5.39 -25.72 3.54
CA LEU A 109 6.54 -26.38 4.16
C LEU A 109 6.36 -27.90 4.09
N GLU A 110 7.31 -28.55 3.42
CA GLU A 110 7.36 -30.01 3.34
C GLU A 110 8.55 -30.52 4.13
N ILE A 111 8.49 -31.77 4.55
CA ILE A 111 9.58 -32.35 5.35
C ILE A 111 10.40 -33.30 4.50
N LYS A 112 11.73 -33.21 4.60
CA LYS A 112 12.63 -34.20 3.98
C LYS A 112 12.97 -35.26 5.00
N ARG A 113 13.14 -36.51 4.57
CA ARG A 113 13.56 -37.59 5.47
C ARG A 113 14.34 -38.61 4.66
N ALA A 114 14.76 -39.70 5.32
CA ALA A 114 15.51 -40.73 4.60
C ALA A 114 14.58 -41.48 3.65
N ASP A 115 15.09 -41.85 2.48
CA ASP A 115 14.32 -42.69 1.55
C ASP A 115 13.70 -43.90 2.26
N ALA A 116 12.47 -44.23 1.89
CA ALA A 116 11.75 -45.36 2.46
C ALA A 116 11.02 -46.06 1.34
N ALA A 117 11.17 -47.38 1.26
CA ALA A 117 10.46 -48.17 0.28
C ALA A 117 8.99 -48.33 0.67
N PRO A 118 8.09 -48.34 -0.33
CA PRO A 118 6.66 -48.53 -0.02
C PRO A 118 6.35 -49.98 0.33
N THR A 119 5.36 -50.19 1.20
CA THR A 119 4.74 -51.49 1.34
C THR A 119 3.69 -51.54 0.25
N VAL A 120 3.81 -52.53 -0.65
CA VAL A 120 2.97 -52.60 -1.83
C VAL A 120 1.96 -53.74 -1.70
N SER A 121 0.71 -53.46 -2.05
CA SER A 121 -0.36 -54.46 -1.96
C SER A 121 -1.18 -54.35 -3.22
N ILE A 122 -1.48 -55.49 -3.85
CA ILE A 122 -2.26 -55.50 -5.08
C ILE A 122 -3.56 -56.24 -4.88
N PHE A 123 -4.63 -55.76 -5.52
CA PHE A 123 -5.95 -56.35 -5.36
C PHE A 123 -6.64 -56.63 -6.67
N PRO A 124 -6.98 -57.90 -6.92
CA PRO A 124 -7.74 -58.26 -8.13
C PRO A 124 -9.12 -57.62 -8.08
N PRO A 125 -9.75 -57.39 -9.24
CA PRO A 125 -11.13 -56.91 -9.21
C PRO A 125 -12.00 -57.87 -8.41
N SER A 126 -12.91 -57.37 -7.60
CA SER A 126 -13.79 -58.24 -6.84
C SER A 126 -14.83 -58.82 -7.78
N SER A 127 -15.38 -59.98 -7.43
CA SER A 127 -16.39 -60.61 -8.27
C SER A 127 -17.62 -59.71 -8.39
N GLU A 128 -17.87 -58.93 -7.33
CA GLU A 128 -18.95 -57.96 -7.34
C GLU A 128 -18.83 -57.00 -8.53
N GLN A 129 -17.65 -56.39 -8.67
CA GLN A 129 -17.44 -55.48 -9.79
C GLN A 129 -17.46 -56.21 -11.15
N LEU A 130 -16.92 -57.42 -11.18
CA LEU A 130 -16.81 -58.18 -12.43
C LEU A 130 -18.15 -58.55 -13.01
N THR A 131 -19.08 -58.96 -12.14
CA THR A 131 -20.42 -59.29 -12.58
C THR A 131 -21.11 -58.07 -13.20
N SER A 132 -20.63 -56.88 -12.85
CA SER A 132 -21.19 -55.64 -13.35
C SER A 132 -20.49 -55.08 -14.59
N GLY A 133 -19.48 -55.79 -15.09
CA GLY A 133 -18.87 -55.44 -16.35
C GLY A 133 -17.66 -54.54 -16.27
N GLY A 134 -17.25 -54.23 -15.05
CA GLY A 134 -16.08 -53.40 -14.84
C GLY A 134 -14.98 -54.20 -14.21
N ALA A 135 -13.76 -53.68 -14.32
CA ALA A 135 -12.62 -54.32 -13.67
C ALA A 135 -11.61 -53.24 -13.26
N SER A 136 -11.63 -52.90 -11.98
CA SER A 136 -10.64 -51.98 -11.44
C SER A 136 -9.62 -52.81 -10.69
N VAL A 137 -8.35 -52.61 -11.01
CA VAL A 137 -7.27 -53.31 -10.33
C VAL A 137 -6.57 -52.27 -9.47
N VAL A 138 -6.48 -52.52 -8.17
CA VAL A 138 -5.98 -51.50 -7.25
C VAL A 138 -4.66 -51.90 -6.66
N CYS A 139 -3.76 -50.94 -6.53
CA CYS A 139 -2.49 -51.18 -5.88
CA CYS A 139 -2.49 -51.18 -5.86
C CYS A 139 -2.22 -50.06 -4.87
N PHE A 140 -1.90 -50.43 -3.63
CA PHE A 140 -1.54 -49.41 -2.64
C PHE A 140 -0.03 -49.41 -2.48
N LEU A 141 0.54 -48.21 -2.45
CA LEU A 141 1.95 -48.01 -2.11
C LEU A 141 2.01 -47.17 -0.86
N ASN A 142 2.23 -47.82 0.28
CA ASN A 142 2.10 -47.14 1.58
C ASN A 142 3.41 -46.85 2.28
N ASN A 143 3.47 -45.66 2.85
CA ASN A 143 4.56 -45.25 3.73
C ASN A 143 5.95 -45.22 3.08
N PHE A 144 6.08 -44.39 2.03
CA PHE A 144 7.32 -44.29 1.27
C PHE A 144 7.84 -42.85 1.22
N TYR A 145 9.09 -42.69 0.81
CA TYR A 145 9.68 -41.37 0.62
C TYR A 145 10.81 -41.54 -0.38
N PRO A 146 10.99 -40.60 -1.31
CA PRO A 146 10.28 -39.32 -1.48
C PRO A 146 8.94 -39.46 -2.16
N LYS A 147 8.27 -38.33 -2.41
CA LYS A 147 6.94 -38.37 -2.98
C LYS A 147 6.91 -38.89 -4.40
N ASP A 148 7.90 -38.52 -5.20
CA ASP A 148 7.86 -38.75 -6.65
C ASP A 148 8.19 -40.18 -7.07
N ILE A 149 7.43 -41.15 -6.56
CA ILE A 149 7.71 -42.54 -6.87
C ILE A 149 7.11 -42.88 -8.25
N ASN A 150 7.68 -43.86 -8.94
CA ASN A 150 7.10 -44.33 -10.19
C ASN A 150 6.28 -45.59 -9.98
N VAL A 151 5.03 -45.59 -10.45
CA VAL A 151 4.24 -46.82 -10.49
CA VAL A 151 4.21 -46.80 -10.49
C VAL A 151 3.97 -47.22 -11.94
N LYS A 152 4.25 -48.48 -12.24
CA LYS A 152 4.02 -48.99 -13.59
C LYS A 152 3.21 -50.25 -13.50
N TRP A 153 2.27 -50.39 -14.42
CA TRP A 153 1.44 -51.58 -14.48
C TRP A 153 1.91 -52.43 -15.66
N LYS A 154 2.06 -53.73 -15.41
CA LYS A 154 2.41 -54.66 -16.47
C LYS A 154 1.30 -55.66 -16.60
N ILE A 155 0.83 -55.86 -17.83
CA ILE A 155 -0.23 -56.81 -18.11
C ILE A 155 0.34 -57.84 -19.08
N ASP A 156 0.35 -59.11 -18.66
CA ASP A 156 1.05 -60.16 -19.41
C ASP A 156 2.49 -59.79 -19.72
N GLY A 157 3.14 -59.09 -18.80
CA GLY A 157 4.54 -58.76 -18.94
C GLY A 157 4.85 -57.50 -19.72
N SER A 158 3.83 -56.84 -20.26
CA SER A 158 4.07 -55.59 -20.99
C SER A 158 3.33 -54.41 -20.36
N GLU A 159 4.00 -53.25 -20.36
CA GLU A 159 3.47 -52.06 -19.71
C GLU A 159 2.18 -51.54 -20.34
N ARG A 160 1.27 -51.09 -19.47
CA ARG A 160 0.18 -50.20 -19.85
C ARG A 160 0.10 -49.09 -18.82
N GLN A 161 0.26 -47.84 -19.26
CA GLN A 161 -0.07 -46.71 -18.40
C GLN A 161 -1.36 -46.02 -18.84
N ASN A 162 -2.03 -46.58 -19.85
CA ASN A 162 -3.33 -46.07 -20.27
C ASN A 162 -4.40 -46.50 -19.26
N GLY A 163 -5.12 -45.53 -18.71
CA GLY A 163 -6.23 -45.81 -17.81
C GLY A 163 -5.86 -45.98 -16.35
N VAL A 164 -4.82 -45.28 -15.91
CA VAL A 164 -4.34 -45.41 -14.54
C VAL A 164 -4.65 -44.16 -13.71
N LEU A 165 -5.30 -44.35 -12.56
CA LEU A 165 -5.69 -43.24 -11.69
C LEU A 165 -4.83 -43.23 -10.43
N ASN A 166 -4.01 -42.20 -10.26
CA ASN A 166 -3.08 -42.14 -9.14
C ASN A 166 -3.44 -41.03 -8.17
N SER A 167 -3.49 -41.38 -6.89
CA SER A 167 -3.83 -40.43 -5.84
C SER A 167 -2.87 -40.53 -4.66
N TRP A 168 -2.16 -39.45 -4.37
CA TRP A 168 -1.24 -39.38 -3.23
C TRP A 168 -1.91 -38.78 -2.02
N THR A 169 -1.60 -39.32 -0.84
CA THR A 169 -2.02 -38.69 0.41
C THR A 169 -1.14 -37.47 0.67
N ASP A 170 -1.58 -36.64 1.61
CA ASP A 170 -0.69 -35.60 2.12
C ASP A 170 0.40 -36.28 2.93
N GLN A 171 1.50 -35.58 3.11
CA GLN A 171 2.60 -36.11 3.90
C GLN A 171 2.14 -36.41 5.33
N ASP A 172 2.62 -37.54 5.88
CA ASP A 172 2.31 -37.97 7.24
C ASP A 172 2.98 -37.05 8.26
N SER A 173 2.20 -36.56 9.23
CA SER A 173 2.68 -35.57 10.19
CA SER A 173 2.68 -35.57 10.19
C SER A 173 3.58 -36.19 11.26
N LYS A 174 3.64 -37.51 11.31
CA LYS A 174 4.47 -38.16 12.32
C LYS A 174 5.75 -38.81 11.77
N ASP A 175 5.66 -39.54 10.66
CA ASP A 175 6.86 -40.19 10.10
C ASP A 175 7.33 -39.60 8.77
N SER A 176 6.64 -38.57 8.28
CA SER A 176 7.04 -37.82 7.10
C SER A 176 7.00 -38.60 5.77
N THR A 177 6.30 -39.73 5.77
CA THR A 177 6.13 -40.51 4.53
C THR A 177 4.91 -40.10 3.73
N TYR A 178 4.83 -40.61 2.51
CA TYR A 178 3.66 -40.45 1.66
C TYR A 178 3.07 -41.83 1.43
N SER A 179 1.83 -41.86 1.01
CA SER A 179 1.22 -43.10 0.53
C SER A 179 0.46 -42.75 -0.74
N MET A 180 0.25 -43.72 -1.62
CA MET A 180 -0.53 -43.46 -2.82
CA MET A 180 -0.57 -43.45 -2.79
C MET A 180 -1.31 -44.68 -3.25
N SER A 181 -2.41 -44.45 -3.93
CA SER A 181 -3.20 -45.50 -4.52
CA SER A 181 -3.19 -45.51 -4.53
C SER A 181 -3.11 -45.40 -6.04
N SER A 182 -2.98 -46.53 -6.71
CA SER A 182 -2.95 -46.56 -8.16
C SER A 182 -4.03 -47.52 -8.61
N THR A 183 -4.97 -47.03 -9.41
CA THR A 183 -6.07 -47.88 -9.86
C THR A 183 -6.01 -47.99 -11.39
N LEU A 184 -5.97 -49.22 -11.86
CA LEU A 184 -5.97 -49.53 -13.28
C LEU A 184 -7.40 -49.84 -13.69
N THR A 185 -7.96 -48.98 -14.54
CA THR A 185 -9.33 -49.13 -15.00
CA THR A 185 -9.33 -49.13 -15.00
C THR A 185 -9.39 -49.93 -16.30
N LEU A 186 -10.09 -51.05 -16.27
CA LEU A 186 -10.23 -51.88 -17.47
C LEU A 186 -11.69 -52.21 -17.65
N THR A 187 -12.09 -52.46 -18.89
CA THR A 187 -13.36 -53.12 -19.13
C THR A 187 -13.18 -54.56 -18.73
N LYS A 188 -14.28 -55.24 -18.45
CA LYS A 188 -14.22 -56.66 -18.16
C LYS A 188 -13.59 -57.42 -19.33
N ASP A 189 -13.95 -57.07 -20.56
CA ASP A 189 -13.34 -57.72 -21.73
C ASP A 189 -11.83 -57.58 -21.79
N GLU A 190 -11.32 -56.38 -21.50
CA GLU A 190 -9.88 -56.14 -21.49
C GLU A 190 -9.23 -57.00 -20.42
N TYR A 191 -9.86 -57.02 -19.25
CA TYR A 191 -9.34 -57.78 -18.12
C TYR A 191 -9.31 -59.27 -18.43
N GLU A 192 -10.34 -59.76 -19.11
CA GLU A 192 -10.50 -61.19 -19.32
C GLU A 192 -9.61 -61.73 -20.44
N ARG A 193 -9.02 -60.85 -21.24
CA ARG A 193 -8.13 -61.34 -22.31
C ARG A 193 -6.65 -61.29 -21.94
N HIS A 194 -6.35 -60.97 -20.68
CA HIS A 194 -4.99 -61.15 -20.18
C HIS A 194 -5.02 -61.88 -18.84
N ASN A 195 -3.87 -62.35 -18.38
CA ASN A 195 -3.86 -63.16 -17.17
C ASN A 195 -3.00 -62.61 -16.03
N SER A 196 -1.78 -62.18 -16.34
CA SER A 196 -0.88 -61.74 -15.26
C SER A 196 -0.91 -60.23 -15.08
N TYR A 197 -1.07 -59.78 -13.84
CA TYR A 197 -1.20 -58.36 -13.56
C TYR A 197 -0.20 -57.98 -12.49
N THR A 198 0.61 -56.98 -12.81
CA THR A 198 1.72 -56.62 -11.94
C THR A 198 1.78 -55.12 -11.71
N CYS A 199 1.93 -54.73 -10.45
CA CYS A 199 2.12 -53.32 -10.06
CA CYS A 199 2.18 -53.32 -10.20
C CYS A 199 3.58 -53.20 -9.61
N GLU A 200 4.33 -52.24 -10.18
CA GLU A 200 5.74 -52.10 -9.87
C GLU A 200 5.99 -50.71 -9.31
N ALA A 201 6.76 -50.64 -8.23
CA ALA A 201 7.06 -49.34 -7.63
C ALA A 201 8.56 -49.11 -7.64
N THR A 202 9.01 -48.00 -8.19
CA THR A 202 10.44 -47.73 -8.19
C THR A 202 10.72 -46.27 -7.84
N HIS A 203 11.68 -46.02 -6.96
CA HIS A 203 12.19 -44.67 -6.75
C HIS A 203 12.79 -44.25 -8.09
N ALA A 204 12.70 -42.97 -8.43
CA ALA A 204 13.34 -42.47 -9.65
C ALA A 204 14.84 -42.73 -9.61
N THR A 205 15.37 -42.72 -8.39
CA THR A 205 16.79 -42.92 -8.15
C THR A 205 17.31 -44.30 -8.62
N SER A 206 16.56 -45.36 -8.34
CA SER A 206 17.06 -46.70 -8.66
C SER A 206 16.32 -47.50 -9.73
N THR A 207 16.78 -48.73 -9.90
CA THR A 207 16.34 -49.64 -10.94
C THR A 207 15.94 -50.95 -10.27
N SER A 208 15.81 -50.91 -8.95
CA SER A 208 15.38 -52.04 -8.15
C SER A 208 13.96 -51.82 -7.63
N PRO A 209 12.96 -52.32 -8.38
CA PRO A 209 11.58 -52.07 -7.98
C PRO A 209 11.08 -53.00 -6.89
N ILE A 210 9.91 -52.66 -6.34
CA ILE A 210 9.14 -53.60 -5.55
C ILE A 210 7.95 -54.00 -6.42
N VAL A 211 7.76 -55.30 -6.59
CA VAL A 211 6.66 -55.78 -7.45
C VAL A 211 5.64 -56.62 -6.67
N LYS A 212 4.38 -56.50 -7.06
CA LYS A 212 3.32 -57.38 -6.56
C LYS A 212 2.50 -57.82 -7.75
N SER A 213 2.18 -59.11 -7.80
CA SER A 213 1.54 -59.68 -8.97
C SER A 213 0.40 -60.58 -8.54
N PHE A 214 -0.56 -60.79 -9.45
CA PHE A 214 -1.51 -61.90 -9.33
C PHE A 214 -1.85 -62.42 -10.73
N ASN A 215 -2.45 -63.60 -10.76
CA ASN A 215 -2.97 -64.19 -11.99
C ASN A 215 -4.49 -64.31 -11.94
N ARG A 216 -5.13 -63.80 -12.99
CA ARG A 216 -6.59 -63.85 -13.06
C ARG A 216 -7.08 -65.29 -13.00
N ASN A 217 -6.38 -66.19 -13.69
CA ASN A 217 -6.76 -67.61 -13.82
C ASN A 217 -6.72 -68.38 -12.51
N GLU A 218 -5.92 -67.87 -11.58
CA GLU A 218 -5.83 -68.43 -10.24
C GLU A 218 -6.97 -67.81 -9.47
N CYS A 219 -7.75 -68.66 -8.77
CA CYS A 219 -8.91 -68.21 -8.01
C CYS A 219 -9.79 -67.18 -8.72
N GLU B 1 -13.69 -23.91 26.19
CA GLU B 1 -12.96 -23.89 24.93
C GLU B 1 -13.87 -23.36 23.83
N ILE B 2 -13.36 -22.41 23.06
CA ILE B 2 -14.12 -21.79 21.97
C ILE B 2 -14.35 -22.76 20.81
N GLN B 3 -15.57 -22.78 20.30
CA GLN B 3 -15.90 -23.60 19.14
C GLN B 3 -16.70 -22.76 18.17
N LEU B 4 -16.36 -22.84 16.90
CA LEU B 4 -17.15 -22.26 15.84
C LEU B 4 -17.60 -23.42 14.96
N GLN B 5 -18.88 -23.78 15.03
CA GLN B 5 -19.40 -24.98 14.38
C GLN B 5 -20.18 -24.62 13.11
N GLN B 6 -19.62 -24.93 11.94
CA GLN B 6 -20.26 -24.56 10.68
C GLN B 6 -21.15 -25.68 10.16
N SER B 7 -22.11 -25.31 9.31
CA SER B 7 -23.00 -26.29 8.69
C SER B 7 -22.29 -27.18 7.68
N GLY B 8 -22.95 -28.28 7.30
CA GLY B 8 -22.35 -29.27 6.41
C GLY B 8 -22.19 -28.85 4.96
N ALA B 9 -21.44 -29.66 4.22
CA ALA B 9 -21.18 -29.39 2.80
C ALA B 9 -22.48 -29.24 2.02
N GLU B 10 -22.48 -28.32 1.04
CA GLU B 10 -23.65 -28.08 0.18
C GLU B 10 -23.32 -28.25 -1.30
N LEU B 11 -24.29 -28.79 -2.03
CA LEU B 11 -24.25 -28.78 -3.49
C LEU B 11 -25.43 -27.96 -3.95
N VAL B 12 -25.16 -26.94 -4.75
CA VAL B 12 -26.23 -26.13 -5.33
C VAL B 12 -25.97 -25.90 -6.81
N LYS B 13 -27.02 -25.52 -7.52
CA LYS B 13 -26.92 -25.33 -8.95
C LYS B 13 -26.53 -23.88 -9.28
N PRO B 14 -25.92 -23.66 -10.45
CA PRO B 14 -25.62 -22.30 -10.90
C PRO B 14 -26.88 -21.45 -10.91
N GLY B 15 -26.75 -20.21 -10.45
CA GLY B 15 -27.86 -19.28 -10.38
C GLY B 15 -28.60 -19.30 -9.06
N ALA B 16 -28.38 -20.36 -8.27
CA ALA B 16 -29.10 -20.52 -7.02
C ALA B 16 -28.39 -19.81 -5.86
N SER B 17 -28.99 -19.88 -4.68
CA SER B 17 -28.40 -19.30 -3.49
C SER B 17 -28.01 -20.39 -2.51
N VAL B 18 -27.16 -20.07 -1.54
CA VAL B 18 -26.90 -20.97 -0.44
C VAL B 18 -26.76 -20.14 0.83
N LYS B 19 -27.07 -20.73 1.98
CA LYS B 19 -26.93 -20.04 3.26
C LYS B 19 -26.20 -20.96 4.23
N ILE B 20 -24.99 -20.55 4.59
CA ILE B 20 -24.11 -21.34 5.43
C ILE B 20 -24.13 -20.76 6.84
N SER B 21 -24.16 -21.62 7.85
CA SER B 21 -24.22 -21.15 9.23
C SER B 21 -22.93 -21.37 10.01
N CYS B 22 -22.76 -20.58 11.07
CA CYS B 22 -21.60 -20.66 11.94
C CYS B 22 -22.08 -20.43 13.37
N LYS B 23 -22.21 -21.51 14.14
CA LYS B 23 -22.69 -21.41 15.51
C LYS B 23 -21.55 -21.24 16.51
N ALA B 24 -21.57 -20.12 17.24
CA ALA B 24 -20.47 -19.78 18.14
C ALA B 24 -20.72 -20.26 19.57
N SER B 25 -19.66 -20.66 20.24
CA SER B 25 -19.74 -21.18 21.60
CA SER B 25 -19.76 -21.07 21.64
C SER B 25 -18.45 -20.89 22.38
N GLY B 26 -18.56 -20.59 23.67
CA GLY B 26 -17.38 -20.45 24.52
C GLY B 26 -16.80 -19.06 24.67
N TYR B 27 -17.44 -18.06 24.09
CA TYR B 27 -17.03 -16.68 24.24
C TYR B 27 -18.27 -15.82 24.07
N SER B 28 -18.14 -14.53 24.36
CA SER B 28 -19.26 -13.60 24.19
C SER B 28 -19.53 -13.32 22.71
N PHE B 29 -20.49 -14.03 22.13
CA PHE B 29 -20.86 -13.87 20.72
C PHE B 29 -20.93 -12.42 20.26
N THR B 30 -21.57 -11.61 21.09
CA THR B 30 -21.80 -10.20 20.75
CA THR B 30 -21.83 -10.20 20.80
C THR B 30 -20.56 -9.34 20.90
N GLY B 31 -19.57 -9.84 21.62
CA GLY B 31 -18.35 -9.09 21.86
C GLY B 31 -17.34 -8.99 20.73
N TYR B 32 -17.44 -9.88 19.75
CA TYR B 32 -16.39 -10.02 18.73
C TYR B 32 -16.97 -10.03 17.33
N ASN B 33 -16.26 -9.46 16.36
CA ASN B 33 -16.71 -9.51 14.97
C ASN B 33 -16.68 -10.94 14.45
N MET B 34 -17.59 -11.27 13.53
CA MET B 34 -17.50 -12.57 12.84
C MET B 34 -17.16 -12.34 11.39
N ASN B 35 -16.11 -13.02 10.92
CA ASN B 35 -15.61 -12.84 9.56
C ASN B 35 -15.90 -14.07 8.73
N TRP B 36 -15.94 -13.89 7.42
CA TRP B 36 -16.04 -15.02 6.51
C TRP B 36 -14.93 -14.94 5.47
N VAL B 37 -14.38 -16.11 5.12
CA VAL B 37 -13.18 -16.24 4.29
C VAL B 37 -13.36 -17.36 3.26
N LYS B 38 -12.95 -17.10 2.02
CA LYS B 38 -13.07 -18.09 0.96
C LYS B 38 -11.72 -18.71 0.72
N GLN B 39 -11.66 -20.02 0.56
CA GLN B 39 -10.45 -20.68 0.10
C GLN B 39 -10.76 -21.58 -1.08
N SER B 40 -10.32 -21.20 -2.28
CA SER B 40 -10.54 -22.06 -3.44
C SER B 40 -9.54 -23.19 -3.41
N HIS B 41 -9.85 -24.31 -4.06
CA HIS B 41 -8.88 -25.39 -4.13
C HIS B 41 -7.67 -24.92 -4.93
N GLY B 42 -6.50 -24.91 -4.31
CA GLY B 42 -5.34 -24.21 -4.87
C GLY B 42 -4.75 -23.38 -3.75
N LYS B 43 -5.66 -22.75 -2.99
CA LYS B 43 -5.47 -22.36 -1.58
CA LYS B 43 -5.45 -22.36 -1.59
C LYS B 43 -5.22 -20.90 -1.20
N SER B 44 -5.50 -19.96 -2.10
CA SER B 44 -5.42 -18.57 -1.64
C SER B 44 -6.59 -18.24 -0.66
N LEU B 45 -6.31 -17.60 0.48
CA LEU B 45 -7.39 -17.16 1.38
C LEU B 45 -7.83 -15.74 1.02
N GLU B 46 -9.14 -15.56 0.84
CA GLU B 46 -9.70 -14.23 0.56
C GLU B 46 -10.77 -13.87 1.55
N TRP B 47 -10.66 -12.70 2.15
CA TRP B 47 -11.68 -12.20 3.06
C TRP B 47 -12.94 -11.81 2.31
N ILE B 48 -14.09 -12.25 2.80
CA ILE B 48 -15.36 -11.95 2.15
C ILE B 48 -16.07 -10.75 2.79
N GLY B 49 -16.13 -10.77 4.12
CA GLY B 49 -16.80 -9.71 4.84
C GLY B 49 -16.86 -10.01 6.31
N LYS B 50 -17.39 -9.06 7.08
CA LYS B 50 -17.54 -9.27 8.51
C LYS B 50 -18.84 -8.67 9.01
N ILE B 51 -19.32 -9.20 10.14
CA ILE B 51 -20.48 -8.64 10.82
C ILE B 51 -20.19 -8.39 12.29
N ASN B 52 -20.66 -7.27 12.81
CA ASN B 52 -20.59 -7.00 14.25
C ASN B 52 -21.90 -7.49 14.86
N PRO B 53 -21.87 -8.63 15.57
CA PRO B 53 -23.10 -9.29 16.02
C PRO B 53 -23.97 -8.42 16.91
N TYR B 54 -23.37 -7.54 17.70
CA TYR B 54 -24.18 -6.70 18.59
C TYR B 54 -25.13 -5.75 17.85
N TYR B 55 -24.59 -5.04 16.87
CA TYR B 55 -25.37 -4.08 16.09
C TYR B 55 -26.03 -4.72 14.89
N GLY B 56 -25.38 -5.73 14.33
CA GLY B 56 -25.80 -6.30 13.07
C GLY B 56 -25.19 -5.55 11.90
N SER B 57 -24.29 -4.63 12.21
CA SER B 57 -23.57 -3.87 11.19
C SER B 57 -22.57 -4.74 10.40
N THR B 58 -22.44 -4.45 9.11
CA THR B 58 -21.62 -5.29 8.22
C THR B 58 -20.61 -4.50 7.41
N SER B 59 -19.62 -5.21 6.88
CA SER B 59 -18.59 -4.62 6.02
C SER B 59 -18.17 -5.71 5.03
N TYR B 60 -18.03 -5.37 3.75
CA TYR B 60 -17.73 -6.38 2.73
C TYR B 60 -16.53 -6.04 1.85
N ASN B 61 -15.83 -7.09 1.40
CA ASN B 61 -14.91 -7.01 0.27
C ASN B 61 -15.75 -6.66 -0.96
N GLN B 62 -15.40 -5.57 -1.64
CA GLN B 62 -16.21 -5.12 -2.79
C GLN B 62 -16.37 -6.19 -3.87
N LYS B 63 -15.40 -7.10 -3.97
CA LYS B 63 -15.48 -8.23 -4.89
C LYS B 63 -16.65 -9.17 -4.56
N PHE B 64 -17.09 -9.15 -3.30
CA PHE B 64 -18.19 -10.02 -2.86
C PHE B 64 -19.43 -9.25 -2.41
N LYS B 65 -19.30 -7.92 -2.32
CA LYS B 65 -20.38 -7.06 -1.80
C LYS B 65 -21.76 -7.37 -2.38
N GLY B 66 -21.83 -7.52 -3.70
CA GLY B 66 -23.10 -7.70 -4.37
C GLY B 66 -23.76 -9.07 -4.23
N GLN B 67 -22.99 -10.11 -3.93
CA GLN B 67 -23.60 -11.45 -3.86
C GLN B 67 -23.69 -12.04 -2.44
N ALA B 68 -22.97 -11.43 -1.50
CA ALA B 68 -22.94 -11.94 -0.12
C ALA B 68 -23.79 -11.11 0.85
N THR B 69 -24.50 -11.81 1.73
CA THR B 69 -25.25 -11.18 2.80
C THR B 69 -24.94 -11.85 4.13
N LEU B 70 -24.40 -11.05 5.06
CA LEU B 70 -24.08 -11.54 6.39
C LEU B 70 -25.16 -11.15 7.39
N THR B 71 -25.61 -12.12 8.18
CA THR B 71 -26.59 -11.90 9.25
C THR B 71 -26.22 -12.68 10.50
N VAL B 72 -26.86 -12.36 11.62
CA VAL B 72 -26.70 -13.17 12.82
C VAL B 72 -28.05 -13.46 13.45
N ASP B 73 -28.10 -14.52 14.25
CA ASP B 73 -29.21 -14.76 15.15
C ASP B 73 -28.65 -14.81 16.56
N LYS B 74 -28.87 -13.73 17.33
CA LYS B 74 -28.45 -13.69 18.73
C LYS B 74 -29.56 -14.24 19.62
N SER B 75 -30.04 -15.42 19.28
CA SER B 75 -30.87 -16.19 20.19
C SER B 75 -30.27 -17.57 20.20
N SER B 76 -29.44 -17.84 19.18
CA SER B 76 -28.72 -19.10 19.03
C SER B 76 -27.23 -18.85 18.87
N SER B 77 -26.83 -17.59 19.03
CA SER B 77 -25.44 -17.14 18.79
C SER B 77 -24.87 -17.72 17.49
N THR B 78 -25.61 -17.55 16.40
CA THR B 78 -25.22 -18.10 15.10
C THR B 78 -25.05 -17.01 14.04
N ALA B 79 -23.94 -17.07 13.32
CA ALA B 79 -23.71 -16.18 12.18
C ALA B 79 -24.05 -16.90 10.89
N TYR B 80 -24.54 -16.16 9.90
CA TYR B 80 -24.92 -16.72 8.60
C TYR B 80 -24.27 -15.98 7.47
N MET B 81 -23.90 -16.73 6.42
CA MET B 81 -23.45 -16.13 5.19
C MET B 81 -24.34 -16.65 4.08
N GLN B 82 -25.10 -15.75 3.46
CA GLN B 82 -25.87 -16.16 2.30
C GLN B 82 -25.16 -15.66 1.05
N LEU B 83 -24.97 -16.55 0.11
CA LEU B 83 -24.43 -16.18 -1.19
C LEU B 83 -25.47 -16.43 -2.25
N ASN B 84 -25.66 -15.44 -3.11
CA ASN B 84 -26.68 -15.55 -4.16
C ASN B 84 -26.06 -15.56 -5.55
N SER B 85 -26.90 -15.85 -6.54
CA SER B 85 -26.48 -15.91 -7.96
C SER B 85 -25.19 -16.70 -8.17
N LEU B 86 -25.15 -17.91 -7.64
CA LEU B 86 -23.89 -18.67 -7.61
C LEU B 86 -23.41 -19.18 -8.97
N THR B 87 -22.09 -19.27 -9.11
CA THR B 87 -21.46 -19.83 -10.30
CA THR B 87 -21.46 -19.83 -10.30
C THR B 87 -20.39 -20.82 -9.88
N SER B 88 -19.87 -21.58 -10.84
CA SER B 88 -18.81 -22.57 -10.54
C SER B 88 -17.54 -21.96 -9.91
N GLU B 89 -17.28 -20.68 -10.17
CA GLU B 89 -16.09 -20.04 -9.60
C GLU B 89 -16.29 -19.82 -8.09
N ASP B 90 -17.52 -20.01 -7.62
CA ASP B 90 -17.82 -19.87 -6.20
C ASP B 90 -17.60 -21.19 -5.44
N SER B 91 -17.31 -22.27 -6.16
CA SER B 91 -17.02 -23.56 -5.52
C SER B 91 -15.74 -23.41 -4.72
N ALA B 92 -15.81 -23.62 -3.41
CA ALA B 92 -14.68 -23.35 -2.53
C ALA B 92 -14.98 -23.89 -1.16
N VAL B 93 -14.01 -23.78 -0.26
CA VAL B 93 -14.29 -23.99 1.16
C VAL B 93 -14.47 -22.63 1.80
N TYR B 94 -15.53 -22.49 2.59
CA TYR B 94 -15.80 -21.24 3.28
C TYR B 94 -15.64 -21.38 4.78
N TYR B 95 -14.93 -20.43 5.40
CA TYR B 95 -14.72 -20.43 6.85
C TYR B 95 -15.36 -19.22 7.50
N CYS B 96 -15.88 -19.39 8.72
CA CYS B 96 -16.13 -18.26 9.60
C CYS B 96 -14.91 -18.12 10.52
N ALA B 97 -14.63 -16.91 10.98
CA ALA B 97 -13.48 -16.70 11.84
C ALA B 97 -13.75 -15.52 12.77
N ARG B 98 -13.51 -15.71 14.05
CA ARG B 98 -13.66 -14.62 15.03
C ARG B 98 -12.57 -13.55 14.86
N GLY B 99 -12.96 -12.28 14.92
CA GLY B 99 -12.02 -11.18 14.83
C GLY B 99 -11.81 -10.49 16.16
N ARG B 100 -10.63 -9.93 16.35
CA ARG B 100 -10.27 -9.26 17.59
C ARG B 100 -10.27 -7.75 17.40
N LEU B 101 -11.45 -7.14 17.44
CA LEU B 101 -11.65 -5.73 17.11
C LEU B 101 -10.71 -4.76 17.85
N ARG B 102 -10.55 -4.96 19.15
CA ARG B 102 -9.81 -4.01 19.99
C ARG B 102 -8.29 -4.25 19.97
N ARG B 103 -7.85 -5.23 19.19
CA ARG B 103 -6.43 -5.43 18.93
C ARG B 103 -6.14 -5.18 17.45
N GLY B 104 -7.10 -4.59 16.75
CA GLY B 104 -6.91 -4.24 15.35
C GLY B 104 -7.63 -5.16 14.39
N GLY B 105 -8.14 -6.27 14.90
CA GLY B 105 -9.03 -7.11 14.13
C GLY B 105 -8.47 -8.34 13.44
N TYR B 106 -7.32 -8.85 13.87
CA TYR B 106 -6.82 -10.11 13.30
C TYR B 106 -7.75 -11.26 13.66
N PHE B 107 -7.70 -12.35 12.90
CA PHE B 107 -8.60 -13.48 13.16
C PHE B 107 -7.92 -14.43 14.13
N ASP B 108 -8.65 -14.88 15.17
CA ASP B 108 -8.01 -15.74 16.18
C ASP B 108 -8.56 -17.16 16.35
N TYR B 109 -9.82 -17.35 15.98
CA TYR B 109 -10.42 -18.69 15.99
C TYR B 109 -11.23 -18.91 14.72
N TRP B 110 -11.07 -20.08 14.12
CA TRP B 110 -11.72 -20.39 12.85
C TRP B 110 -12.67 -21.56 13.01
N GLY B 111 -13.76 -21.53 12.25
CA GLY B 111 -14.63 -22.69 12.15
C GLY B 111 -13.96 -23.81 11.35
N GLN B 112 -14.64 -24.94 11.23
CA GLN B 112 -14.05 -26.11 10.57
C GLN B 112 -14.12 -26.07 9.04
N GLY B 113 -14.83 -25.08 8.52
CA GLY B 113 -15.02 -24.97 7.09
C GLY B 113 -16.26 -25.67 6.58
N THR B 114 -16.82 -25.11 5.52
CA THR B 114 -17.94 -25.69 4.81
C THR B 114 -17.60 -25.73 3.34
N THR B 115 -17.68 -26.91 2.74
CA THR B 115 -17.38 -27.05 1.32
C THR B 115 -18.60 -26.75 0.46
N LEU B 116 -18.46 -25.81 -0.46
CA LEU B 116 -19.56 -25.51 -1.38
C LEU B 116 -19.19 -25.98 -2.77
N THR B 117 -20.08 -26.77 -3.36
CA THR B 117 -19.92 -27.16 -4.75
C THR B 117 -21.05 -26.54 -5.54
N VAL B 118 -20.70 -25.73 -6.53
CA VAL B 118 -21.71 -25.17 -7.44
C VAL B 118 -21.57 -25.90 -8.78
N SER B 119 -22.62 -26.64 -9.13
CA SER B 119 -22.57 -27.53 -10.29
C SER B 119 -23.96 -28.00 -10.70
N SER B 120 -24.14 -28.28 -11.99
CA SER B 120 -25.38 -28.86 -12.50
C SER B 120 -25.27 -30.39 -12.60
N ALA B 121 -24.14 -30.94 -12.16
CA ALA B 121 -23.99 -32.39 -12.12
C ALA B 121 -24.96 -32.98 -11.09
N LYS B 122 -25.39 -34.20 -11.32
CA LYS B 122 -26.44 -34.82 -10.49
C LYS B 122 -25.89 -35.58 -9.29
N THR B 123 -26.59 -35.47 -8.17
CA THR B 123 -26.30 -36.29 -6.98
C THR B 123 -26.40 -37.78 -7.32
N THR B 124 -25.35 -38.53 -6.99
CA THR B 124 -25.21 -39.92 -7.40
C THR B 124 -24.58 -40.73 -6.28
N PRO B 125 -25.18 -41.89 -5.93
CA PRO B 125 -24.65 -42.74 -4.85
C PRO B 125 -23.37 -43.46 -5.26
N PRO B 126 -22.52 -43.80 -4.28
CA PRO B 126 -21.31 -44.55 -4.63
C PRO B 126 -21.55 -46.05 -4.81
N SER B 127 -20.69 -46.69 -5.59
CA SER B 127 -20.54 -48.14 -5.57
C SER B 127 -19.40 -48.42 -4.62
N VAL B 128 -19.50 -49.46 -3.81
CA VAL B 128 -18.46 -49.77 -2.83
C VAL B 128 -17.94 -51.18 -3.04
N TYR B 129 -16.64 -51.30 -3.30
CA TYR B 129 -16.03 -52.61 -3.54
C TYR B 129 -15.01 -52.96 -2.45
N PRO B 130 -15.21 -54.07 -1.75
CA PRO B 130 -14.17 -54.47 -0.79
C PRO B 130 -12.96 -55.03 -1.53
N LEU B 131 -11.76 -54.76 -1.02
CA LEU B 131 -10.53 -55.17 -1.66
C LEU B 131 -9.81 -56.12 -0.70
N ALA B 132 -9.87 -57.42 -1.02
CA ALA B 132 -9.19 -58.43 -0.22
C ALA B 132 -8.10 -59.06 -1.08
N PRO B 133 -7.03 -59.55 -0.45
CA PRO B 133 -5.96 -60.19 -1.22
C PRO B 133 -6.47 -61.40 -1.99
N GLY B 134 -5.87 -61.66 -3.13
CA GLY B 134 -6.20 -62.82 -3.91
C GLY B 134 -5.70 -64.11 -3.30
N CYS B 135 -6.21 -65.22 -3.78
CA CYS B 135 -5.83 -66.50 -3.25
C CYS B 135 -4.38 -66.82 -3.50
N GLY B 136 -3.78 -66.17 -4.46
CA GLY B 136 -2.39 -66.43 -4.75
C GLY B 136 -1.40 -65.69 -3.89
N ASP B 137 -1.90 -64.85 -3.03
CA ASP B 137 -1.04 -63.91 -2.34
C ASP B 137 -0.56 -64.51 -1.04
N THR B 138 0.43 -63.89 -0.48
CA THR B 138 0.84 -64.23 0.87
C THR B 138 1.04 -62.93 1.65
N THR B 139 1.09 -63.04 2.97
CA THR B 139 1.29 -61.87 3.81
C THR B 139 2.29 -62.16 4.92
N GLY B 140 3.03 -61.14 5.32
CA GLY B 140 3.98 -61.27 6.42
C GLY B 140 3.31 -61.08 7.77
N SER B 141 3.92 -60.26 8.63
CA SER B 141 3.36 -60.06 9.96
C SER B 141 2.10 -59.19 9.93
N SER B 142 1.90 -58.46 8.83
CA SER B 142 0.71 -57.62 8.66
C SER B 142 -0.02 -57.94 7.36
N VAL B 143 -1.31 -57.58 7.30
CA VAL B 143 -2.08 -57.71 6.08
C VAL B 143 -2.78 -56.39 5.78
N THR B 144 -2.80 -56.01 4.49
CA THR B 144 -3.48 -54.80 4.09
C THR B 144 -4.75 -55.12 3.30
N LEU B 145 -5.86 -54.48 3.69
CA LEU B 145 -7.14 -54.60 3.00
C LEU B 145 -7.55 -53.21 2.50
N GLY B 146 -8.57 -53.16 1.67
CA GLY B 146 -8.97 -51.88 1.12
C GLY B 146 -10.43 -51.82 0.77
N CYS B 147 -10.86 -50.61 0.44
CA CYS B 147 -12.20 -50.41 -0.07
CA CYS B 147 -12.20 -50.33 0.02
C CYS B 147 -12.12 -49.34 -1.14
N LEU B 148 -12.76 -49.63 -2.28
CA LEU B 148 -12.77 -48.72 -3.43
C LEU B 148 -14.17 -48.14 -3.50
N VAL B 149 -14.28 -46.80 -3.47
CA VAL B 149 -15.56 -46.12 -3.42
C VAL B 149 -15.67 -45.29 -4.70
N LYS B 150 -16.59 -45.69 -5.58
CA LYS B 150 -16.52 -45.27 -6.99
C LYS B 150 -17.84 -44.65 -7.47
N GLY B 151 -17.72 -43.58 -8.25
CA GLY B 151 -18.86 -43.04 -8.99
C GLY B 151 -19.91 -42.24 -8.26
N TYR B 152 -19.48 -41.44 -7.27
CA TYR B 152 -20.44 -40.71 -6.45
C TYR B 152 -20.31 -39.20 -6.72
N PHE B 153 -21.35 -38.47 -6.35
CA PHE B 153 -21.36 -37.01 -6.44
C PHE B 153 -22.48 -36.50 -5.54
N PRO B 154 -22.24 -35.39 -4.83
CA PRO B 154 -21.03 -34.57 -4.73
C PRO B 154 -20.00 -35.19 -3.77
N GLU B 155 -18.94 -34.45 -3.47
CA GLU B 155 -17.77 -35.04 -2.83
C GLU B 155 -17.93 -35.54 -1.41
N SER B 156 -18.84 -34.97 -0.64
CA SER B 156 -18.90 -35.28 0.80
CA SER B 156 -18.90 -35.28 0.80
C SER B 156 -19.17 -36.77 1.06
N VAL B 157 -18.19 -37.44 1.67
CA VAL B 157 -18.27 -38.89 1.90
C VAL B 157 -17.36 -39.29 3.05
N THR B 158 -17.78 -40.25 3.86
CA THR B 158 -16.95 -40.71 4.95
C THR B 158 -16.78 -42.23 4.89
N VAL B 159 -15.53 -42.68 4.86
CA VAL B 159 -15.21 -44.09 4.87
C VAL B 159 -14.65 -44.44 6.25
N THR B 160 -15.35 -45.33 6.94
CA THR B 160 -15.03 -45.68 8.31
C THR B 160 -14.64 -47.15 8.36
N TRP B 161 -13.51 -47.47 8.96
CA TRP B 161 -13.15 -48.86 9.15
C TRP B 161 -13.54 -49.30 10.55
N ASN B 162 -14.18 -50.46 10.64
CA ASN B 162 -14.37 -51.09 11.94
C ASN B 162 -13.57 -52.36 11.96
N SER B 163 -12.55 -52.41 12.80
CA SER B 163 -11.74 -53.61 12.95
C SER B 163 -11.96 -54.19 14.35
N GLY B 164 -13.10 -53.85 14.96
CA GLY B 164 -13.41 -54.36 16.29
C GLY B 164 -12.34 -53.95 17.29
N SER B 165 -11.80 -54.93 18.01
CA SER B 165 -10.83 -54.63 19.06
C SER B 165 -9.40 -54.62 18.54
N LEU B 166 -9.24 -54.70 17.22
CA LEU B 166 -7.90 -54.62 16.63
C LEU B 166 -7.42 -53.18 16.53
N SER B 167 -6.12 -52.99 16.71
CA SER B 167 -5.49 -51.72 16.35
C SER B 167 -5.08 -51.75 14.89
N SER B 168 -5.33 -50.66 14.18
CA SER B 168 -5.09 -50.64 12.74
C SER B 168 -4.39 -49.37 12.27
N SER B 169 -3.83 -49.42 11.06
CA SER B 169 -3.27 -48.25 10.41
C SER B 169 -4.08 -48.00 9.15
N VAL B 170 -4.63 -46.78 9.03
CA VAL B 170 -5.51 -46.46 7.90
C VAL B 170 -4.88 -45.41 6.98
N HIS B 171 -5.05 -45.59 5.67
CA HIS B 171 -4.71 -44.49 4.76
C HIS B 171 -5.95 -44.12 3.95
N THR B 172 -6.20 -42.82 3.82
CA THR B 172 -7.37 -42.36 3.06
C THR B 172 -6.86 -41.60 1.85
N PHE B 173 -7.19 -42.07 0.66
CA PHE B 173 -6.63 -41.49 -0.57
C PHE B 173 -7.59 -40.46 -1.14
N PRO B 174 -7.10 -39.24 -1.37
CA PRO B 174 -7.97 -38.17 -1.87
C PRO B 174 -8.73 -38.56 -3.11
N ALA B 175 -9.96 -38.07 -3.21
CA ALA B 175 -10.82 -38.38 -4.34
C ALA B 175 -10.36 -37.66 -5.59
N LEU B 176 -10.59 -38.31 -6.72
CA LEU B 176 -10.33 -37.72 -8.02
C LEU B 176 -11.63 -37.63 -8.80
N LEU B 177 -11.78 -36.56 -9.57
CA LEU B 177 -13.02 -36.32 -10.30
C LEU B 177 -12.87 -36.71 -11.77
N GLN B 178 -13.81 -37.53 -12.27
CA GLN B 178 -13.83 -37.94 -13.66
C GLN B 178 -15.27 -38.04 -14.14
N SER B 179 -15.56 -37.35 -15.25
CA SER B 179 -16.91 -37.34 -15.82
C SER B 179 -17.97 -36.84 -14.83
N GLY B 180 -17.57 -35.99 -13.89
CA GLY B 180 -18.49 -35.46 -12.90
C GLY B 180 -18.76 -36.42 -11.75
N LEU B 181 -17.94 -37.47 -11.67
CA LEU B 181 -18.08 -38.46 -10.60
C LEU B 181 -16.76 -38.62 -9.87
N TYR B 182 -16.83 -38.79 -8.55
CA TYR B 182 -15.61 -39.00 -7.76
C TYR B 182 -15.30 -40.48 -7.54
N THR B 183 -14.01 -40.77 -7.41
CA THR B 183 -13.57 -42.11 -7.00
C THR B 183 -12.52 -41.92 -5.92
N MET B 184 -12.63 -42.66 -4.82
CA MET B 184 -11.59 -42.63 -3.79
CA MET B 184 -11.58 -42.64 -3.81
C MET B 184 -11.34 -44.05 -3.29
N SER B 185 -10.31 -44.23 -2.49
CA SER B 185 -10.06 -45.53 -1.89
C SER B 185 -9.49 -45.32 -0.49
N SER B 186 -9.52 -46.38 0.30
CA SER B 186 -8.98 -46.33 1.65
C SER B 186 -8.35 -47.68 1.93
N SER B 187 -7.22 -47.67 2.64
CA SER B 187 -6.58 -48.94 3.04
C SER B 187 -6.54 -49.07 4.55
N VAL B 188 -6.59 -50.31 5.03
CA VAL B 188 -6.45 -50.58 6.45
C VAL B 188 -5.45 -51.73 6.61
N THR B 189 -4.54 -51.59 7.58
CA THR B 189 -3.55 -52.62 7.83
C THR B 189 -3.64 -53.12 9.26
N VAL B 190 -3.74 -54.45 9.42
CA VAL B 190 -3.89 -55.08 10.73
C VAL B 190 -2.93 -56.25 10.80
N PRO B 191 -2.69 -56.80 12.01
CA PRO B 191 -1.76 -57.95 12.03
C PRO B 191 -2.31 -59.17 11.30
N SER B 192 -1.44 -59.90 10.63
CA SER B 192 -1.85 -61.08 9.86
C SER B 192 -2.40 -62.17 10.77
N SER B 193 -2.00 -62.16 12.03
CA SER B 193 -2.58 -63.07 13.02
C SER B 193 -4.06 -62.81 13.35
N THR B 194 -4.60 -61.70 12.85
CA THR B 194 -5.95 -61.27 13.24
C THR B 194 -6.99 -61.22 12.12
N TRP B 195 -6.55 -61.25 10.87
CA TRP B 195 -7.48 -61.32 9.75
C TRP B 195 -7.09 -62.48 8.86
N PRO B 196 -8.07 -63.27 8.36
CA PRO B 196 -9.52 -63.05 8.42
C PRO B 196 -10.25 -63.47 9.69
N SER B 197 -9.55 -63.92 10.72
CA SER B 197 -10.22 -64.36 11.94
CA SER B 197 -10.21 -64.34 11.97
C SER B 197 -11.19 -63.30 12.47
N GLN B 198 -10.72 -62.07 12.62
CA GLN B 198 -11.59 -61.01 13.13
C GLN B 198 -12.19 -60.18 12.00
N THR B 199 -13.44 -59.75 12.20
CA THR B 199 -14.19 -59.00 11.20
C THR B 199 -13.61 -57.63 10.95
N VAL B 200 -13.40 -57.30 9.68
CA VAL B 200 -13.02 -55.95 9.29
C VAL B 200 -14.03 -55.48 8.25
N THR B 201 -14.66 -54.35 8.54
CA THR B 201 -15.72 -53.84 7.68
C THR B 201 -15.42 -52.40 7.29
N CYS B 202 -15.67 -52.08 6.02
CA CYS B 202 -15.60 -50.69 5.61
CA CYS B 202 -15.60 -50.73 5.50
C CYS B 202 -17.00 -50.12 5.49
N SER B 203 -17.20 -49.00 6.17
CA SER B 203 -18.51 -48.33 6.22
C SER B 203 -18.44 -47.02 5.44
N VAL B 204 -19.33 -46.89 4.46
CA VAL B 204 -19.30 -45.72 3.59
C VAL B 204 -20.59 -44.93 3.74
N ALA B 205 -20.49 -43.68 4.19
CA ALA B 205 -21.66 -42.81 4.29
C ALA B 205 -21.58 -41.69 3.27
N HIS B 206 -22.57 -41.60 2.40
CA HIS B 206 -22.68 -40.49 1.44
C HIS B 206 -24.02 -39.79 1.63
N PRO B 207 -24.07 -38.82 2.54
CA PRO B 207 -25.29 -38.15 3.00
C PRO B 207 -26.12 -37.61 1.85
N ALA B 208 -25.47 -37.04 0.84
CA ALA B 208 -26.18 -36.40 -0.26
C ALA B 208 -27.16 -37.35 -0.97
N SER B 209 -26.75 -38.61 -1.10
CA SER B 209 -27.57 -39.59 -1.79
C SER B 209 -28.31 -40.50 -0.81
N SER B 210 -28.31 -40.11 0.47
CA SER B 210 -28.87 -40.91 1.56
C SER B 210 -28.37 -42.36 1.51
N THR B 211 -27.07 -42.52 1.28
CA THR B 211 -26.45 -43.84 1.19
CA THR B 211 -26.45 -43.84 1.17
C THR B 211 -25.61 -44.16 2.41
N THR B 212 -25.81 -45.36 2.95
CA THR B 212 -24.92 -45.88 3.96
C THR B 212 -24.76 -47.35 3.66
N VAL B 213 -23.56 -47.72 3.24
CA VAL B 213 -23.27 -49.08 2.80
C VAL B 213 -22.18 -49.64 3.69
N ASP B 214 -22.32 -50.88 4.11
CA ASP B 214 -21.27 -51.50 4.90
C ASP B 214 -20.86 -52.78 4.22
N LYS B 215 -19.56 -52.94 4.00
CA LYS B 215 -19.06 -54.09 3.29
C LYS B 215 -18.04 -54.80 4.16
N LYS B 216 -18.33 -56.05 4.50
CA LYS B 216 -17.38 -56.85 5.26
C LYS B 216 -16.33 -57.46 4.33
N LEU B 217 -15.06 -57.36 4.74
CA LEU B 217 -13.97 -57.90 3.94
C LEU B 217 -13.93 -59.41 4.11
N GLU B 218 -14.00 -60.13 3.00
CA GLU B 218 -14.03 -61.59 3.06
C GLU B 218 -12.82 -62.17 2.36
N PRO B 219 -12.27 -63.26 2.90
CA PRO B 219 -11.11 -63.86 2.22
C PRO B 219 -11.53 -64.37 0.84
N SER B 220 -10.67 -64.18 -0.16
CA SER B 220 -10.99 -64.57 -1.53
C SER B 220 -11.06 -66.07 -1.68
N ASN C 1 7.33 65.17 -6.44
CA ASN C 1 7.45 63.79 -5.99
C ASN C 1 8.91 63.35 -5.92
N ILE C 2 9.14 62.19 -5.31
CA ILE C 2 10.52 61.71 -5.10
C ILE C 2 10.68 60.29 -5.58
N MET C 3 11.55 60.10 -6.58
CA MET C 3 11.80 58.77 -7.12
C MET C 3 13.04 58.16 -6.50
N MET C 4 12.96 56.87 -6.22
CA MET C 4 14.03 56.13 -5.56
C MET C 4 14.65 55.16 -6.56
N THR C 5 15.97 55.19 -6.69
CA THR C 5 16.68 54.31 -7.63
C THR C 5 17.75 53.51 -6.89
N GLN C 6 17.74 52.19 -7.06
CA GLN C 6 18.66 51.32 -6.35
C GLN C 6 19.67 50.66 -7.28
N SER C 7 20.91 50.57 -6.80
CA SER C 7 22.00 49.96 -7.55
C SER C 7 22.85 49.07 -6.66
N PRO C 8 23.27 47.91 -7.17
CA PRO C 8 22.87 47.35 -8.47
C PRO C 8 21.52 46.67 -8.35
N SER C 9 20.88 46.33 -9.47
CA SER C 9 19.63 45.60 -9.43
C SER C 9 19.82 44.20 -8.85
N SER C 10 21.00 43.63 -9.08
CA SER C 10 21.30 42.29 -8.59
C SER C 10 22.75 42.21 -8.17
N LEU C 11 23.00 41.40 -7.14
CA LEU C 11 24.31 41.35 -6.49
C LEU C 11 24.56 39.93 -6.02
N ALA C 12 25.66 39.31 -6.48
CA ALA C 12 26.01 37.96 -6.04
C ALA C 12 27.24 38.01 -5.14
N VAL C 13 27.10 37.51 -3.92
CA VAL C 13 28.15 37.60 -2.92
CA VAL C 13 28.14 37.60 -2.91
C VAL C 13 28.38 36.24 -2.25
N SER C 14 29.63 35.95 -1.87
CA SER C 14 29.92 34.75 -1.10
C SER C 14 29.68 34.99 0.39
N ALA C 15 29.23 33.97 1.10
CA ALA C 15 29.01 34.07 2.54
C ALA C 15 30.30 34.51 3.22
N GLY C 16 30.17 35.47 4.13
CA GLY C 16 31.33 35.97 4.85
C GLY C 16 31.87 37.27 4.32
N GLU C 17 31.51 37.62 3.08
CA GLU C 17 31.97 38.87 2.46
C GLU C 17 31.14 40.04 2.94
N LYS C 18 31.72 41.23 2.80
CA LYS C 18 31.02 42.47 3.10
C LYS C 18 30.42 43.01 1.82
N VAL C 19 29.20 43.52 1.90
CA VAL C 19 28.56 44.10 0.72
C VAL C 19 27.85 45.41 1.06
N THR C 20 27.91 46.36 0.14
CA THR C 20 27.18 47.62 0.29
C THR C 20 26.30 47.85 -0.94
N MET C 21 25.04 48.15 -0.69
CA MET C 21 24.13 48.46 -1.78
CA MET C 21 24.04 48.40 -1.73
C MET C 21 23.64 49.89 -1.69
N SER C 22 23.21 50.43 -2.83
CA SER C 22 22.99 51.86 -2.98
C SER C 22 21.54 52.22 -3.21
N CYS C 23 21.16 53.39 -2.67
CA CYS C 23 19.83 53.95 -2.87
C CYS C 23 19.97 55.46 -3.06
N LYS C 24 19.46 55.98 -4.17
CA LYS C 24 19.55 57.41 -4.45
C LYS C 24 18.16 57.98 -4.62
N SER C 25 17.88 59.11 -3.99
CA SER C 25 16.58 59.76 -4.16
C SER C 25 16.70 60.95 -5.11
N SER C 26 15.62 61.25 -5.82
CA SER C 26 15.62 62.34 -6.81
C SER C 26 15.53 63.72 -6.17
N GLN C 27 15.09 63.78 -4.90
CA GLN C 27 15.15 65.01 -4.10
C GLN C 27 15.61 64.62 -2.73
N SER C 28 16.05 65.59 -1.94
CA SER C 28 16.40 65.31 -0.55
C SER C 28 15.24 64.74 0.24
N VAL C 29 15.53 63.77 1.10
CA VAL C 29 14.48 63.24 1.96
C VAL C 29 14.70 63.63 3.41
N LEU C 30 15.57 64.62 3.62
CA LEU C 30 15.82 65.15 4.95
C LEU C 30 14.62 65.98 5.45
N TYR C 31 14.19 65.70 6.67
CA TYR C 31 13.12 66.46 7.32
C TYR C 31 13.82 67.44 8.26
N SER C 32 13.83 68.71 7.88
CA SER C 32 14.62 69.75 8.58
C SER C 32 14.24 69.96 10.05
N SER C 33 12.94 69.93 10.33
CA SER C 33 12.44 70.16 11.69
C SER C 33 13.11 69.29 12.75
N ASN C 34 13.34 68.02 12.42
CA ASN C 34 13.96 67.10 13.37
C ASN C 34 15.28 66.52 12.88
N GLN C 35 15.76 67.03 11.75
CA GLN C 35 17.04 66.61 11.15
CA GLN C 35 17.06 66.61 11.19
C GLN C 35 17.15 65.10 10.95
N LYS C 36 16.02 64.48 10.58
CA LYS C 36 16.00 63.05 10.28
C LYS C 36 15.78 62.84 8.79
N ASN C 37 16.56 61.92 8.20
CA ASN C 37 16.29 61.48 6.84
C ASN C 37 15.16 60.47 6.85
N TYR C 38 14.08 60.79 6.15
CA TYR C 38 12.90 59.94 6.10
C TYR C 38 13.09 58.85 5.05
N LEU C 39 13.98 57.92 5.39
CA LEU C 39 14.50 56.88 4.50
C LEU C 39 14.54 55.59 5.30
N ALA C 40 13.92 54.54 4.79
CA ALA C 40 13.91 53.25 5.49
C ALA C 40 14.37 52.15 4.56
N TRP C 41 14.91 51.07 5.13
CA TRP C 41 15.30 49.89 4.37
C TRP C 41 14.48 48.69 4.81
N TYR C 42 14.00 47.92 3.83
CA TYR C 42 13.21 46.71 4.06
C TYR C 42 13.88 45.50 3.44
N GLN C 43 13.75 44.36 4.10
CA GLN C 43 14.23 43.09 3.58
C GLN C 43 13.04 42.20 3.21
N GLN C 44 13.02 41.66 1.99
CA GLN C 44 11.95 40.72 1.61
C GLN C 44 12.53 39.39 1.17
N LYS C 45 12.42 38.40 2.05
CA LYS C 45 12.95 37.07 1.77
C LYS C 45 11.93 36.35 0.89
N PRO C 46 12.38 35.31 0.17
CA PRO C 46 11.46 34.57 -0.71
C PRO C 46 10.16 34.12 -0.04
N GLY C 47 9.02 34.51 -0.62
CA GLY C 47 7.72 34.09 -0.13
C GLY C 47 7.26 34.76 1.15
N GLN C 48 7.97 35.81 1.56
CA GLN C 48 7.60 36.53 2.77
C GLN C 48 7.21 37.98 2.48
N SER C 49 6.60 38.62 3.46
CA SER C 49 6.33 40.06 3.41
CA SER C 49 6.32 40.05 3.38
C SER C 49 7.60 40.82 3.71
N PRO C 50 7.65 42.12 3.36
CA PRO C 50 8.87 42.84 3.74
C PRO C 50 8.97 42.99 5.25
N LYS C 51 10.21 43.13 5.75
CA LYS C 51 10.48 43.35 7.15
C LYS C 51 11.36 44.60 7.27
N LEU C 52 11.06 45.45 8.26
CA LEU C 52 11.84 46.67 8.48
C LEU C 52 13.24 46.38 9.03
N LEU C 53 14.27 46.92 8.38
CA LEU C 53 15.65 46.74 8.86
C LEU C 53 16.19 47.99 9.54
N ILE C 54 16.01 49.13 8.86
CA ILE C 54 16.60 50.41 9.24
C ILE C 54 15.59 51.53 9.03
N TYR C 55 15.46 52.46 9.98
CA TYR C 55 14.65 53.65 9.77
C TYR C 55 15.51 54.88 10.04
N TRP C 56 15.02 56.05 9.63
CA TRP C 56 15.77 57.29 9.74
C TRP C 56 17.18 57.15 9.16
N ALA C 57 17.29 56.41 8.06
CA ALA C 57 18.54 56.15 7.32
C ALA C 57 19.58 55.27 8.02
N SER C 58 19.74 55.43 9.34
CA SER C 58 20.86 54.81 10.03
C SER C 58 20.51 54.18 11.37
N THR C 59 19.24 54.19 11.77
CA THR C 59 18.86 53.57 13.03
C THR C 59 18.36 52.14 12.78
N ARG C 60 19.09 51.17 13.30
CA ARG C 60 18.72 49.77 13.15
CA ARG C 60 18.71 49.77 13.13
C ARG C 60 17.49 49.43 14.00
N GLU C 61 16.54 48.72 13.41
CA GLU C 61 15.38 48.25 14.18
C GLU C 61 15.83 47.21 15.19
N SER C 62 15.34 47.29 16.42
CA SER C 62 15.64 46.30 17.46
CA SER C 62 15.71 46.30 17.42
C SER C 62 15.36 44.90 16.92
N GLY C 63 16.26 43.96 17.19
CA GLY C 63 16.09 42.60 16.72
C GLY C 63 16.77 42.31 15.39
N VAL C 64 17.13 43.34 14.64
CA VAL C 64 17.83 43.16 13.37
C VAL C 64 19.29 42.90 13.70
N PRO C 65 19.89 41.88 13.08
CA PRO C 65 21.31 41.56 13.34
C PRO C 65 22.23 42.78 13.18
N ASP C 66 23.25 42.85 14.03
CA ASP C 66 24.21 43.97 14.06
C ASP C 66 24.95 44.13 12.74
N ARG C 67 24.97 43.08 11.93
CA ARG C 67 25.74 43.11 10.69
C ARG C 67 25.16 44.05 9.65
N PHE C 68 23.90 44.46 9.83
CA PHE C 68 23.26 45.44 8.95
C PHE C 68 23.45 46.86 9.46
N THR C 69 23.98 47.75 8.61
CA THR C 69 24.06 49.17 8.98
C THR C 69 23.61 50.05 7.84
N GLY C 70 22.90 51.12 8.17
CA GLY C 70 22.48 52.08 7.17
C GLY C 70 23.29 53.36 7.28
N SER C 71 23.52 54.02 6.14
CA SER C 71 24.31 55.25 6.13
C SER C 71 23.84 56.21 5.03
N GLY C 72 24.33 57.45 5.08
CA GLY C 72 24.05 58.43 4.06
C GLY C 72 23.13 59.55 4.52
N SER C 73 22.99 60.55 3.65
CA SER C 73 22.15 61.71 3.98
C SER C 73 21.67 62.38 2.71
N GLY C 74 20.54 63.09 2.80
CA GLY C 74 20.05 63.88 1.68
C GLY C 74 19.47 63.05 0.57
N THR C 75 20.28 62.78 -0.46
CA THR C 75 19.86 61.94 -1.59
C THR C 75 20.63 60.63 -1.74
N ASP C 76 21.75 60.49 -1.04
CA ASP C 76 22.62 59.32 -1.19
C ASP C 76 22.62 58.41 0.04
N PHE C 77 22.22 57.15 -0.13
CA PHE C 77 22.07 56.24 0.99
C PHE C 77 22.63 54.85 0.69
N THR C 78 23.11 54.17 1.72
CA THR C 78 23.60 52.82 1.55
C THR C 78 23.12 51.89 2.65
N LEU C 79 23.06 50.60 2.32
CA LEU C 79 22.85 49.54 3.31
C LEU C 79 24.03 48.61 3.23
N THR C 80 24.70 48.38 4.35
CA THR C 80 25.88 47.51 4.37
C THR C 80 25.60 46.26 5.20
N ILE C 81 26.02 45.11 4.68
CA ILE C 81 25.99 43.86 5.44
C ILE C 81 27.46 43.50 5.65
N SER C 82 27.91 43.49 6.91
CA SER C 82 29.35 43.43 7.18
C SER C 82 29.91 42.05 6.89
N SER C 83 29.08 41.03 7.09
CA SER C 83 29.47 39.66 6.81
C SER C 83 28.24 38.90 6.36
N VAL C 84 28.12 38.66 5.05
CA VAL C 84 26.89 38.09 4.53
C VAL C 84 26.70 36.66 5.00
N GLN C 85 25.48 36.36 5.45
CA GLN C 85 25.09 34.98 5.82
C GLN C 85 24.16 34.39 4.78
N ALA C 86 24.15 33.07 4.67
CA ALA C 86 23.21 32.41 3.78
C ALA C 86 21.76 32.89 3.93
N GLU C 87 21.34 33.17 5.15
CA GLU C 87 19.97 33.58 5.40
C GLU C 87 19.66 34.98 4.90
N ASP C 88 20.69 35.72 4.47
CA ASP C 88 20.51 37.11 4.02
C ASP C 88 20.00 37.21 2.59
N LEU C 89 19.86 36.07 1.93
CA LEU C 89 19.20 36.02 0.63
C LEU C 89 17.84 36.72 0.64
N ALA C 90 17.66 37.74 -0.21
CA ALA C 90 16.47 38.56 -0.17
C ALA C 90 16.52 39.62 -1.25
N VAL C 91 15.38 40.29 -1.48
CA VAL C 91 15.40 41.58 -2.15
C VAL C 91 15.34 42.68 -1.11
N TYR C 92 16.24 43.66 -1.24
CA TYR C 92 16.31 44.75 -0.28
C TYR C 92 15.76 46.00 -0.94
N TYR C 93 14.82 46.66 -0.27
CA TYR C 93 14.17 47.84 -0.83
C TYR C 93 14.43 49.04 0.05
N CYS C 94 14.74 50.18 -0.57
CA CYS C 94 14.71 51.45 0.15
C CYS C 94 13.37 52.16 -0.07
N HIS C 95 13.06 53.09 0.84
CA HIS C 95 11.73 53.69 0.91
C HIS C 95 11.89 55.09 1.45
N GLN C 96 11.21 56.06 0.84
CA GLN C 96 11.12 57.37 1.46
C GLN C 96 9.69 57.71 1.82
N HIS C 97 9.57 58.49 2.88
CA HIS C 97 8.27 58.87 3.40
C HIS C 97 8.22 60.35 3.75
N LEU C 98 9.02 61.15 3.05
CA LEU C 98 8.99 62.60 3.25
C LEU C 98 7.88 63.22 2.40
N SER C 99 7.89 62.92 1.10
CA SER C 99 6.92 63.44 0.16
C SER C 99 6.08 62.27 -0.35
N SER C 100 4.87 62.12 0.19
CA SER C 100 4.11 60.88 0.01
C SER C 100 4.97 59.69 0.45
N TRP C 101 4.70 58.54 -0.17
CA TRP C 101 5.43 57.29 0.12
C TRP C 101 5.84 56.61 -1.17
N THR C 102 7.13 56.46 -1.41
CA THR C 102 7.61 55.77 -2.62
C THR C 102 8.72 54.78 -2.30
N PHE C 103 8.97 53.85 -3.23
CA PHE C 103 9.94 52.79 -3.01
C PHE C 103 10.93 52.70 -4.16
N GLY C 104 12.13 52.22 -3.86
CA GLY C 104 13.11 51.88 -4.88
C GLY C 104 12.77 50.56 -5.55
N GLY C 105 13.47 50.26 -6.63
CA GLY C 105 13.17 49.08 -7.43
C GLY C 105 13.72 47.79 -6.83
N GLY C 106 14.52 47.92 -5.79
CA GLY C 106 15.05 46.76 -5.10
C GLY C 106 16.40 46.31 -5.61
N THR C 107 17.19 45.73 -4.71
CA THR C 107 18.42 45.04 -5.08
C THR C 107 18.30 43.59 -4.64
N LYS C 108 18.43 42.66 -5.57
CA LYS C 108 18.34 41.25 -5.24
C LYS C 108 19.71 40.72 -4.85
N LEU C 109 19.82 40.24 -3.61
CA LEU C 109 21.10 39.72 -3.12
C LEU C 109 21.10 38.22 -3.29
N GLU C 110 22.02 37.70 -4.11
CA GLU C 110 22.15 36.27 -4.34
C GLU C 110 23.42 35.78 -3.65
N ILE C 111 23.44 34.50 -3.27
CA ILE C 111 24.62 33.94 -2.63
C ILE C 111 25.42 33.05 -3.58
N LYS C 112 26.72 33.32 -3.69
CA LYS C 112 27.63 32.43 -4.42
C LYS C 112 28.21 31.39 -3.47
N ARG C 113 28.41 30.18 -3.97
CA ARG C 113 28.95 29.11 -3.16
C ARG C 113 29.62 28.09 -4.08
N ALA C 114 30.01 26.96 -3.51
CA ALA C 114 30.66 25.92 -4.29
C ALA C 114 29.68 25.20 -5.18
N ASP C 115 30.18 24.60 -6.26
CA ASP C 115 29.35 23.74 -7.08
C ASP C 115 28.81 22.59 -6.23
N ALA C 116 27.64 22.07 -6.61
CA ALA C 116 27.08 20.90 -5.94
C ALA C 116 26.24 20.14 -6.95
N ALA C 117 26.40 18.81 -6.96
CA ALA C 117 25.60 17.97 -7.85
C ALA C 117 24.21 17.78 -7.26
N PRO C 118 23.19 17.67 -8.13
CA PRO C 118 21.83 17.42 -7.65
C PRO C 118 21.68 16.01 -7.07
N THR C 119 20.86 15.87 -6.04
CA THR C 119 20.35 14.56 -5.65
C THR C 119 19.11 14.35 -6.51
N VAL C 120 19.12 13.32 -7.35
CA VAL C 120 18.05 13.14 -8.33
C VAL C 120 17.14 12.01 -7.90
N SER C 121 15.83 12.24 -7.97
CA SER C 121 14.82 11.23 -7.63
C SER C 121 13.78 11.17 -8.73
N ILE C 122 13.45 9.96 -9.20
CA ILE C 122 12.42 9.78 -10.22
C ILE C 122 11.19 9.08 -9.65
N PHE C 123 10.01 9.50 -10.11
CA PHE C 123 8.77 8.99 -9.56
C PHE C 123 7.80 8.55 -10.64
N PRO C 124 7.42 7.26 -10.63
CA PRO C 124 6.41 6.79 -11.58
C PRO C 124 5.05 7.40 -11.29
N PRO C 125 4.13 7.29 -12.27
CA PRO C 125 2.75 7.73 -11.99
C PRO C 125 2.15 6.99 -10.80
N SER C 126 1.42 7.71 -9.95
CA SER C 126 0.71 7.10 -8.84
C SER C 126 -0.41 6.19 -9.35
N SER C 127 -0.76 5.18 -8.57
CA SER C 127 -1.85 4.28 -8.96
C SER C 127 -3.15 5.08 -8.98
N GLU C 128 -3.22 6.04 -8.07
CA GLU C 128 -4.26 7.06 -8.08
C GLU C 128 -4.47 7.59 -9.50
N GLN C 129 -3.44 8.27 -10.02
CA GLN C 129 -3.54 8.92 -11.33
C GLN C 129 -3.85 7.95 -12.49
N LEU C 130 -3.19 6.81 -12.50
CA LEU C 130 -3.26 5.87 -13.64
C LEU C 130 -4.66 5.45 -14.09
N THR C 131 -5.53 5.20 -13.13
CA THR C 131 -6.86 4.68 -13.44
C THR C 131 -7.75 5.73 -14.09
N SER C 132 -7.35 7.00 -13.98
CA SER C 132 -8.13 8.10 -14.52
C SER C 132 -7.58 8.54 -15.86
N GLY C 133 -6.69 7.73 -16.43
CA GLY C 133 -6.24 7.95 -17.79
C GLY C 133 -5.04 8.85 -17.85
N GLY C 134 -4.53 9.20 -16.67
CA GLY C 134 -3.42 10.11 -16.57
C GLY C 134 -2.12 9.44 -16.17
N ALA C 135 -1.01 10.07 -16.53
CA ALA C 135 0.29 9.56 -16.18
C ALA C 135 1.30 10.69 -16.20
N SER C 136 1.65 11.19 -15.02
CA SER C 136 2.75 12.15 -14.96
C SER C 136 3.95 11.45 -14.36
N VAL C 137 5.12 11.68 -14.97
CA VAL C 137 6.37 11.13 -14.44
C VAL C 137 7.16 12.33 -13.91
N VAL C 138 7.65 12.25 -12.68
CA VAL C 138 8.28 13.41 -12.05
C VAL C 138 9.72 13.13 -11.65
N CYS C 139 10.57 14.13 -11.82
CA CYS C 139 11.96 14.04 -11.41
CA CYS C 139 11.95 14.03 -11.36
C CYS C 139 12.32 15.25 -10.56
N PHE C 140 12.88 15.02 -9.38
CA PHE C 140 13.37 16.12 -8.57
C PHE C 140 14.90 16.18 -8.69
N LEU C 141 15.42 17.39 -8.92
CA LEU C 141 16.87 17.64 -8.91
C LEU C 141 17.10 18.56 -7.74
N ASN C 142 17.56 18.00 -6.63
CA ASN C 142 17.56 18.75 -5.38
C ASN C 142 18.94 19.16 -4.88
N ASN C 143 19.01 20.40 -4.37
CA ASN C 143 20.21 20.90 -3.67
C ASN C 143 21.46 20.94 -4.52
N PHE C 144 21.38 21.64 -5.64
CA PHE C 144 22.50 21.75 -6.57
C PHE C 144 22.93 23.21 -6.68
N TYR C 145 24.10 23.43 -7.25
CA TYR C 145 24.63 24.76 -7.53
C TYR C 145 25.65 24.64 -8.64
N PRO C 146 25.67 25.60 -9.59
CA PRO C 146 24.82 26.79 -9.71
C PRO C 146 23.43 26.54 -10.29
N LYS C 147 22.66 27.61 -10.48
CA LYS C 147 21.25 27.49 -10.85
C LYS C 147 21.02 26.82 -12.21
N ASP C 148 21.90 27.09 -13.18
CA ASP C 148 21.71 26.52 -14.51
C ASP C 148 21.93 25.01 -14.47
N ILE C 149 20.93 24.28 -14.96
CA ILE C 149 21.01 22.82 -15.02
C ILE C 149 20.09 22.39 -16.15
N ASN C 150 20.41 21.25 -16.76
CA ASN C 150 19.61 20.70 -17.85
C ASN C 150 19.02 19.37 -17.42
N VAL C 151 17.75 19.16 -17.79
CA VAL C 151 17.12 17.86 -17.60
C VAL C 151 16.70 17.29 -18.95
N LYS C 152 17.08 16.05 -19.19
CA LYS C 152 16.66 15.35 -20.40
C LYS C 152 15.87 14.11 -20.01
N TRP C 153 14.73 13.89 -20.65
CA TRP C 153 13.93 12.71 -20.43
C TRP C 153 14.12 11.72 -21.56
N LYS C 154 14.20 10.44 -21.24
CA LYS C 154 14.21 9.41 -22.27
C LYS C 154 13.14 8.37 -21.97
N ILE C 155 12.42 7.97 -23.02
CA ILE C 155 11.40 6.96 -22.91
C ILE C 155 11.81 5.82 -23.85
N ASP C 156 11.97 4.62 -23.32
CA ASP C 156 12.51 3.50 -24.08
C ASP C 156 13.82 3.85 -24.79
N GLY C 157 14.62 4.68 -24.12
CA GLY C 157 15.95 5.03 -24.61
C GLY C 157 15.98 6.22 -25.56
N SER C 158 14.79 6.74 -25.89
CA SER C 158 14.68 7.83 -26.85
C SER C 158 14.17 9.11 -26.19
N GLU C 159 14.72 10.26 -26.60
CA GLU C 159 14.44 11.53 -25.94
C GLU C 159 13.04 12.08 -26.18
N ARG C 160 12.39 12.48 -25.08
CA ARG C 160 11.15 13.23 -25.18
C ARG C 160 11.44 14.67 -24.81
N GLN C 161 11.29 15.56 -25.79
CA GLN C 161 11.62 16.97 -25.63
C GLN C 161 10.45 17.74 -25.05
N ASN C 162 9.24 17.26 -25.33
CA ASN C 162 8.06 18.06 -25.11
C ASN C 162 7.04 17.48 -24.14
N GLY C 163 6.18 18.35 -23.63
CA GLY C 163 5.28 18.00 -22.54
C GLY C 163 6.01 18.01 -21.21
N VAL C 164 7.07 18.81 -21.12
CA VAL C 164 7.88 18.89 -19.90
C VAL C 164 7.74 20.23 -19.20
N LEU C 165 7.50 20.20 -17.89
CA LEU C 165 7.33 21.42 -17.10
C LEU C 165 8.39 21.47 -16.01
N ASN C 166 9.25 22.49 -16.03
CA ASN C 166 10.34 22.59 -15.11
C ASN C 166 10.12 23.78 -14.21
N SER C 167 10.26 23.57 -12.91
CA SER C 167 10.12 24.66 -11.94
C SER C 167 11.31 24.72 -10.97
N TRP C 168 12.00 25.87 -10.92
CA TRP C 168 13.12 26.06 -9.98
C TRP C 168 12.67 26.70 -8.67
N THR C 169 13.23 26.26 -7.55
CA THR C 169 13.00 26.94 -6.26
C THR C 169 13.82 28.22 -6.19
N ASP C 170 13.53 29.04 -5.20
CA ASP C 170 14.42 30.14 -4.88
C ASP C 170 15.60 29.53 -4.18
N GLN C 171 16.68 30.30 -4.07
CA GLN C 171 17.87 29.82 -3.37
C GLN C 171 17.57 29.44 -1.92
N ASP C 172 18.19 28.36 -1.45
CA ASP C 172 17.93 27.85 -0.11
C ASP C 172 18.55 28.78 0.95
N SER C 173 17.79 29.10 1.99
CA SER C 173 18.25 30.06 3.00
C SER C 173 19.31 29.50 3.94
N LYS C 174 19.56 28.19 3.90
CA LYS C 174 20.56 27.60 4.76
C LYS C 174 21.84 27.16 4.06
N ASP C 175 21.71 26.52 2.88
CA ASP C 175 22.89 26.01 2.17
C ASP C 175 23.16 26.69 0.82
N SER C 176 22.30 27.63 0.47
CA SER C 176 22.40 28.43 -0.75
C SER C 176 22.31 27.64 -2.05
N THR C 177 21.80 26.41 -2.00
CA THR C 177 21.62 25.61 -3.22
C THR C 177 20.28 25.91 -3.88
N TYR C 178 20.09 25.38 -5.09
CA TYR C 178 18.82 25.44 -5.79
C TYR C 178 18.27 24.03 -5.91
N SER C 179 16.95 23.94 -6.08
CA SER C 179 16.32 22.69 -6.47
C SER C 179 15.38 22.95 -7.65
N MET C 180 15.10 21.91 -8.44
CA MET C 180 14.10 22.07 -9.48
C MET C 180 13.31 20.78 -9.65
N SER C 181 12.07 20.94 -10.07
CA SER C 181 11.18 19.82 -10.32
C SER C 181 10.94 19.74 -11.82
N SER C 182 11.07 18.54 -12.41
CA SER C 182 10.77 18.35 -13.84
C SER C 182 9.65 17.32 -13.99
N THR C 183 8.55 17.74 -14.60
CA THR C 183 7.39 16.85 -14.76
C THR C 183 7.14 16.57 -16.23
N LEU C 184 7.14 15.28 -16.59
CA LEU C 184 6.80 14.84 -17.93
C LEU C 184 5.34 14.42 -17.96
N THR C 185 4.53 15.12 -18.74
CA THR C 185 3.10 14.77 -18.79
C THR C 185 2.79 13.86 -19.97
N LEU C 186 2.25 12.67 -19.66
CA LEU C 186 1.89 11.70 -20.69
C LEU C 186 0.42 11.37 -20.53
N THR C 187 -0.14 10.65 -21.49
CA THR C 187 -1.44 10.01 -21.27
C THR C 187 -1.15 8.64 -20.68
N LYS C 188 -2.15 8.05 -20.01
CA LYS C 188 -1.98 6.70 -19.52
C LYS C 188 -1.71 5.75 -20.69
N ASP C 189 -2.41 5.93 -21.81
CA ASP C 189 -2.18 5.07 -22.98
C ASP C 189 -0.73 5.11 -23.46
N GLU C 190 -0.14 6.32 -23.52
CA GLU C 190 1.27 6.51 -23.87
CA GLU C 190 1.25 6.48 -23.89
C GLU C 190 2.19 5.80 -22.89
N TYR C 191 1.93 6.05 -21.61
CA TYR C 191 2.75 5.50 -20.55
C TYR C 191 2.82 3.99 -20.60
N GLU C 192 1.67 3.36 -20.83
CA GLU C 192 1.60 1.89 -20.90
C GLU C 192 2.20 1.27 -22.16
N ARG C 193 2.46 2.10 -23.17
CA ARG C 193 3.09 1.68 -24.42
C ARG C 193 4.59 1.50 -24.32
N HIS C 194 5.20 2.09 -23.30
CA HIS C 194 6.64 2.05 -23.18
C HIS C 194 7.02 1.50 -21.83
N ASN C 195 8.30 1.21 -21.65
CA ASN C 195 8.67 0.56 -20.41
C ASN C 195 9.67 1.32 -19.57
N SER C 196 10.73 1.79 -20.22
CA SER C 196 11.80 2.42 -19.46
C SER C 196 11.66 3.93 -19.47
N TYR C 197 11.82 4.52 -18.30
CA TYR C 197 11.74 5.97 -18.15
C TYR C 197 12.97 6.48 -17.43
N THR C 198 13.63 7.47 -18.02
CA THR C 198 14.88 7.99 -17.48
C THR C 198 14.91 9.50 -17.45
N CYS C 199 15.42 10.04 -16.35
CA CYS C 199 15.66 11.47 -16.19
CA CYS C 199 15.70 11.46 -16.34
C CYS C 199 17.17 11.67 -16.07
N GLU C 200 17.75 12.56 -16.87
CA GLU C 200 19.20 12.78 -16.87
C GLU C 200 19.47 14.23 -16.56
N ALA C 201 20.25 14.47 -15.50
CA ALA C 201 20.62 15.85 -15.14
C ALA C 201 22.02 16.15 -15.61
N THR C 202 22.20 17.27 -16.32
CA THR C 202 23.56 17.69 -16.69
C THR C 202 23.77 19.15 -16.35
N HIS C 203 24.97 19.46 -15.88
CA HIS C 203 25.40 20.86 -15.85
C HIS C 203 26.89 21.00 -16.10
N ALA C 204 27.22 21.94 -16.97
CA ALA C 204 28.57 22.28 -17.43
C ALA C 204 29.72 22.09 -16.43
N THR C 205 29.44 22.27 -15.14
CA THR C 205 30.47 22.13 -14.11
C THR C 205 30.97 20.69 -13.93
N SER C 206 30.49 19.79 -14.79
CA SER C 206 30.99 18.42 -14.90
C SER C 206 30.47 17.86 -16.21
N THR C 207 31.32 17.18 -16.96
CA THR C 207 30.95 16.73 -18.29
C THR C 207 30.10 15.46 -18.27
N SER C 208 29.81 14.97 -17.06
CA SER C 208 29.03 13.75 -16.90
C SER C 208 27.67 13.98 -16.25
N PRO C 209 26.65 13.24 -16.71
CA PRO C 209 25.29 13.37 -16.20
C PRO C 209 25.06 12.54 -14.94
N ILE C 210 23.95 12.82 -14.27
CA ILE C 210 23.47 12.02 -13.15
C ILE C 210 22.11 11.50 -13.59
N VAL C 211 21.92 10.19 -13.60
CA VAL C 211 20.68 9.64 -14.15
C VAL C 211 19.88 8.86 -13.12
N LYS C 212 18.57 8.80 -13.32
CA LYS C 212 17.72 7.89 -12.54
C LYS C 212 16.70 7.30 -13.48
N SER C 213 16.41 6.02 -13.29
CA SER C 213 15.51 5.29 -14.17
C SER C 213 14.56 4.44 -13.36
N PHE C 214 13.43 4.08 -13.99
CA PHE C 214 12.62 2.98 -13.52
C PHE C 214 12.03 2.25 -14.72
N ASN C 215 11.54 1.03 -14.48
CA ASN C 215 10.83 0.28 -15.51
C ASN C 215 9.41 0.09 -15.08
N ARG C 216 8.47 0.30 -16.00
CA ARG C 216 7.05 0.15 -15.66
C ARG C 216 6.75 -1.27 -15.19
N ASN C 217 7.38 -2.26 -15.82
CA ASN C 217 7.12 -3.67 -15.50
C ASN C 217 7.95 -4.31 -14.39
N GLU C 218 9.02 -3.65 -13.95
CA GLU C 218 9.94 -4.29 -13.01
C GLU C 218 10.16 -3.44 -11.76
N CYS C 219 10.82 -2.30 -11.93
CA CYS C 219 10.84 -1.23 -10.93
C CYS C 219 11.55 0.00 -11.49
N GLU D 1 2.98 41.14 21.00
CA GLU D 1 3.67 41.34 19.72
C GLU D 1 2.68 41.58 18.58
N ILE D 2 3.15 42.33 17.58
CA ILE D 2 2.27 42.81 16.52
C ILE D 2 2.01 41.77 15.45
N GLN D 3 0.75 41.65 15.03
CA GLN D 3 0.37 40.77 13.94
C GLN D 3 -0.66 41.46 13.05
N LEU D 4 -0.43 41.43 11.74
CA LEU D 4 -1.40 41.91 10.77
C LEU D 4 -1.82 40.72 9.92
N GLN D 5 -3.06 40.26 10.12
CA GLN D 5 -3.52 39.04 9.47
C GLN D 5 -4.48 39.39 8.35
N GLN D 6 -4.09 39.09 7.12
CA GLN D 6 -4.91 39.48 5.98
C GLN D 6 -5.82 38.35 5.54
N SER D 7 -6.92 38.73 4.89
CA SER D 7 -7.86 37.75 4.34
C SER D 7 -7.20 36.92 3.21
N GLY D 8 -7.83 35.80 2.86
CA GLY D 8 -7.24 34.84 1.95
C GLY D 8 -7.27 35.28 0.50
N ALA D 9 -6.53 34.57 -0.34
CA ALA D 9 -6.45 34.85 -1.78
C ALA D 9 -7.83 34.97 -2.38
N GLU D 10 -7.95 35.84 -3.39
CA GLU D 10 -9.25 36.16 -3.97
C GLU D 10 -9.20 36.05 -5.48
N LEU D 11 -10.20 35.39 -6.06
CA LEU D 11 -10.40 35.38 -7.50
C LEU D 11 -11.69 36.11 -7.83
N VAL D 12 -11.59 37.18 -8.61
CA VAL D 12 -12.76 37.99 -8.99
C VAL D 12 -12.71 38.28 -10.48
N LYS D 13 -13.86 38.58 -11.07
CA LYS D 13 -13.92 38.83 -12.50
C LYS D 13 -13.61 40.29 -12.83
N PRO D 14 -13.12 40.54 -14.05
CA PRO D 14 -12.92 41.93 -14.50
C PRO D 14 -14.22 42.74 -14.44
N GLY D 15 -14.16 43.96 -13.93
CA GLY D 15 -15.35 44.79 -13.76
C GLY D 15 -16.03 44.64 -12.40
N ALA D 16 -15.63 43.62 -11.65
CA ALA D 16 -16.11 43.42 -10.29
C ALA D 16 -15.36 44.33 -9.32
N SER D 17 -15.77 44.24 -8.07
CA SER D 17 -15.09 44.89 -6.95
CA SER D 17 -15.08 44.89 -6.95
C SER D 17 -14.61 43.82 -5.97
N VAL D 18 -13.65 44.16 -5.13
CA VAL D 18 -13.18 43.22 -4.10
C VAL D 18 -12.85 44.00 -2.83
N LYS D 19 -13.07 43.37 -1.68
CA LYS D 19 -12.73 43.99 -0.39
C LYS D 19 -11.87 43.05 0.42
N ILE D 20 -10.65 43.51 0.71
CA ILE D 20 -9.62 42.73 1.36
C ILE D 20 -9.48 43.26 2.77
N SER D 21 -9.29 42.36 3.74
CA SER D 21 -9.24 42.78 5.13
C SER D 21 -7.87 42.57 5.75
N CYS D 22 -7.62 43.31 6.83
CA CYS D 22 -6.35 43.28 7.54
C CYS D 22 -6.68 43.39 9.02
N LYS D 23 -6.56 42.27 9.75
CA LYS D 23 -6.91 42.21 11.16
C LYS D 23 -5.66 42.41 12.03
N ALA D 24 -5.70 43.44 12.87
CA ALA D 24 -4.53 43.81 13.67
C ALA D 24 -4.62 43.29 15.10
N SER D 25 -3.52 42.74 15.60
CA SER D 25 -3.45 42.29 17.00
C SER D 25 -2.11 42.62 17.63
N GLY D 26 -2.11 42.77 18.96
CA GLY D 26 -0.86 43.01 19.68
C GLY D 26 -0.60 44.49 19.93
N TYR D 27 -1.60 45.32 19.62
CA TYR D 27 -1.49 46.76 19.84
C TYR D 27 -2.83 47.48 19.71
N SER D 28 -2.86 48.75 20.10
CA SER D 28 -4.06 49.57 19.94
C SER D 28 -4.25 49.99 18.49
N PHE D 29 -5.21 49.36 17.83
CA PHE D 29 -5.52 49.60 16.42
C PHE D 29 -5.72 51.07 16.05
N THR D 30 -6.37 51.82 16.94
CA THR D 30 -6.77 53.20 16.60
C THR D 30 -5.67 54.25 16.73
N GLY D 31 -4.54 53.87 17.28
CA GLY D 31 -3.46 54.82 17.48
C GLY D 31 -2.39 54.78 16.42
N TYR D 32 -2.65 54.07 15.32
CA TYR D 32 -1.65 53.97 14.25
C TYR D 32 -2.31 54.08 12.88
N ASN D 33 -1.71 54.80 11.94
CA ASN D 33 -2.24 54.78 10.57
C ASN D 33 -2.01 53.40 9.93
N MET D 34 -2.94 52.97 9.08
CA MET D 34 -2.79 51.73 8.34
C MET D 34 -2.63 52.09 6.87
N ASN D 35 -1.62 51.51 6.23
CA ASN D 35 -1.31 51.77 4.83
C ASN D 35 -1.58 50.54 4.00
N TRP D 36 -1.82 50.72 2.70
CA TRP D 36 -1.93 49.59 1.78
C TRP D 36 -0.91 49.73 0.66
N VAL D 37 -0.32 48.62 0.26
CA VAL D 37 0.77 48.61 -0.72
C VAL D 37 0.53 47.50 -1.74
N LYS D 38 0.72 47.81 -3.02
CA LYS D 38 0.60 46.83 -4.10
C LYS D 38 1.97 46.30 -4.50
N GLN D 39 2.08 45.00 -4.71
CA GLN D 39 3.30 44.45 -5.33
C GLN D 39 2.90 43.53 -6.49
N SER D 40 3.18 43.96 -7.72
CA SER D 40 2.86 43.14 -8.87
C SER D 40 4.00 42.18 -9.13
N HIS D 41 3.67 40.95 -9.54
CA HIS D 41 4.66 39.91 -9.81
C HIS D 41 5.79 40.48 -10.66
N GLY D 42 7.03 40.34 -10.20
CA GLY D 42 8.13 41.05 -10.82
C GLY D 42 8.55 42.18 -9.91
N LYS D 43 7.65 42.54 -9.00
CA LYS D 43 8.01 42.99 -7.65
C LYS D 43 8.29 44.47 -7.32
N SER D 44 7.76 45.43 -8.08
CA SER D 44 7.85 46.82 -7.62
C SER D 44 6.84 47.04 -6.48
N LEU D 45 7.23 47.77 -5.43
CA LEU D 45 6.29 48.10 -4.35
C LEU D 45 5.66 49.47 -4.57
N GLU D 46 4.34 49.56 -4.49
CA GLU D 46 3.63 50.80 -4.77
C GLU D 46 2.64 51.14 -3.66
N TRP D 47 2.81 52.30 -3.03
CA TRP D 47 1.89 52.75 -1.99
C TRP D 47 0.52 53.07 -2.59
N ILE D 48 -0.55 52.58 -1.97
CA ILE D 48 -1.91 52.81 -2.45
C ILE D 48 -2.57 53.96 -1.72
N GLY D 49 -2.49 53.91 -0.39
CA GLY D 49 -3.10 54.93 0.43
C GLY D 49 -3.02 54.59 1.89
N LYS D 50 -3.51 55.50 2.73
CA LYS D 50 -3.50 55.29 4.18
C LYS D 50 -4.81 55.74 4.81
N ILE D 51 -5.12 55.17 5.97
CA ILE D 51 -6.29 55.60 6.72
C ILE D 51 -5.90 55.79 8.19
N ASN D 52 -6.42 56.84 8.79
CA ASN D 52 -6.31 57.02 10.23
C ASN D 52 -7.53 56.37 10.87
N PRO D 53 -7.35 55.22 11.54
CA PRO D 53 -8.50 54.45 12.06
C PRO D 53 -9.37 55.22 13.07
N TYR D 54 -8.76 56.04 13.91
CA TYR D 54 -9.52 56.79 14.90
C TYR D 54 -10.43 57.82 14.22
N TYR D 55 -9.88 58.56 13.26
CA TYR D 55 -10.60 59.62 12.59
C TYR D 55 -11.33 59.20 11.31
N GLY D 56 -10.88 58.09 10.71
CA GLY D 56 -11.51 57.58 9.51
C GLY D 56 -11.06 58.30 8.24
N SER D 57 -10.20 59.30 8.40
CA SER D 57 -9.74 60.10 7.28
C SER D 57 -8.72 59.38 6.42
N THR D 58 -8.71 59.67 5.13
CA THR D 58 -7.89 58.92 4.17
C THR D 58 -7.04 59.80 3.25
N SER D 59 -5.99 59.19 2.69
CA SER D 59 -5.06 59.84 1.77
C SER D 59 -4.70 58.81 0.71
N TYR D 60 -4.70 59.20 -0.56
CA TYR D 60 -4.44 58.24 -1.63
C TYR D 60 -3.30 58.64 -2.56
N ASN D 61 -2.62 57.62 -3.07
CA ASN D 61 -1.77 57.76 -4.24
C ASN D 61 -2.70 58.14 -5.40
N GLN D 62 -2.32 59.18 -6.14
CA GLN D 62 -3.16 59.67 -7.24
C GLN D 62 -3.55 58.56 -8.21
N LYS D 63 -2.65 57.62 -8.43
CA LYS D 63 -2.88 56.49 -9.36
C LYS D 63 -4.09 55.64 -8.97
N PHE D 64 -4.42 55.64 -7.67
CA PHE D 64 -5.45 54.74 -7.15
C PHE D 64 -6.70 55.46 -6.63
N LYS D 65 -6.70 56.79 -6.64
CA LYS D 65 -7.73 57.57 -5.97
C LYS D 65 -9.14 57.25 -6.47
N GLY D 66 -9.32 57.15 -7.78
CA GLY D 66 -10.64 56.87 -8.32
C GLY D 66 -11.11 55.44 -8.04
N GLN D 67 -10.18 54.59 -7.64
CA GLN D 67 -10.42 53.14 -7.63
C GLN D 67 -10.38 52.47 -6.25
N ALA D 68 -9.58 53.00 -5.34
CA ALA D 68 -9.45 52.37 -4.02
C ALA D 68 -10.24 53.15 -2.98
N THR D 69 -10.86 52.42 -2.05
CA THR D 69 -11.51 53.03 -0.90
C THR D 69 -11.09 52.30 0.36
N LEU D 70 -10.44 53.02 1.27
CA LEU D 70 -10.00 52.44 2.54
C LEU D 70 -11.04 52.74 3.61
N THR D 71 -11.37 51.73 4.41
CA THR D 71 -12.25 51.90 5.58
C THR D 71 -11.69 51.12 6.75
N VAL D 72 -12.26 51.30 7.92
CA VAL D 72 -11.91 50.48 9.07
C VAL D 72 -13.17 50.07 9.82
N ASP D 73 -13.05 49.00 10.59
CA ASP D 73 -14.02 48.63 11.64
C ASP D 73 -13.23 48.60 12.95
N LYS D 74 -13.29 49.69 13.71
CA LYS D 74 -12.48 49.81 14.92
C LYS D 74 -12.79 48.73 15.96
N SER D 75 -14.07 48.35 16.05
CA SER D 75 -14.51 47.40 17.06
C SER D 75 -13.99 45.98 16.85
N SER D 76 -13.54 45.68 15.63
CA SER D 76 -12.93 44.38 15.37
C SER D 76 -11.44 44.50 15.01
N SER D 77 -10.88 45.69 15.20
CA SER D 77 -9.45 45.92 14.96
C SER D 77 -9.07 45.50 13.53
N THR D 78 -9.93 45.85 12.58
CA THR D 78 -9.78 45.43 11.18
C THR D 78 -9.78 46.60 10.19
N ALA D 79 -8.78 46.61 9.30
CA ALA D 79 -8.74 47.59 8.22
C ALA D 79 -9.19 46.91 6.93
N TYR D 80 -9.85 47.66 6.04
CA TYR D 80 -10.30 47.13 4.75
C TYR D 80 -9.84 47.99 3.57
N MET D 81 -9.52 47.32 2.46
CA MET D 81 -9.31 48.02 1.20
C MET D 81 -10.26 47.47 0.15
N GLN D 82 -11.05 48.36 -0.45
CA GLN D 82 -11.94 47.98 -1.54
C GLN D 82 -11.36 48.49 -2.85
N LEU D 83 -11.29 47.63 -3.87
CA LEU D 83 -10.82 48.05 -5.17
C LEU D 83 -11.94 47.83 -6.17
N ASN D 84 -12.32 48.89 -6.89
CA ASN D 84 -13.45 48.83 -7.80
CA ASN D 84 -13.45 48.81 -7.81
C ASN D 84 -13.03 48.75 -9.26
N SER D 85 -13.98 48.44 -10.14
CA SER D 85 -13.74 48.41 -11.59
C SER D 85 -12.49 47.63 -11.97
N LEU D 86 -12.36 46.41 -11.44
CA LEU D 86 -11.10 45.67 -11.55
C LEU D 86 -10.76 45.30 -13.00
N THR D 87 -9.47 45.29 -13.29
CA THR D 87 -8.96 44.84 -14.58
C THR D 87 -7.81 43.86 -14.28
N SER D 88 -7.33 43.16 -15.30
CA SER D 88 -6.21 42.23 -15.12
CA SER D 88 -6.21 42.22 -15.11
C SER D 88 -4.98 42.90 -14.52
N GLU D 89 -4.83 44.21 -14.74
CA GLU D 89 -3.70 44.99 -14.23
C GLU D 89 -3.71 45.07 -12.70
N ASP D 90 -4.88 44.83 -12.11
CA ASP D 90 -5.01 44.80 -10.66
C ASP D 90 -4.60 43.48 -10.02
N SER D 91 -4.31 42.47 -10.84
CA SER D 91 -3.82 41.21 -10.29
C SER D 91 -2.44 41.46 -9.68
N ALA D 92 -2.30 41.15 -8.40
CA ALA D 92 -1.09 41.48 -7.65
C ALA D 92 -1.19 40.98 -6.23
N VAL D 93 -0.12 41.15 -5.46
CA VAL D 93 -0.18 40.89 -4.03
C VAL D 93 -0.41 42.23 -3.32
N TYR D 94 -1.37 42.25 -2.40
CA TYR D 94 -1.65 43.48 -1.66
C TYR D 94 -1.32 43.31 -0.19
N TYR D 95 -0.61 44.29 0.38
CA TYR D 95 -0.24 44.24 1.79
C TYR D 95 -0.85 45.41 2.53
N CYS D 96 -1.20 45.17 3.80
CA CYS D 96 -1.43 46.27 4.72
C CYS D 96 -0.14 46.46 5.49
N ALA D 97 0.09 47.67 5.98
CA ALA D 97 1.31 47.98 6.73
C ALA D 97 1.02 49.09 7.71
N ARG D 98 1.46 48.88 8.96
CA ARG D 98 1.28 49.88 10.00
C ARG D 98 2.29 51.02 9.89
N GLY D 99 1.81 52.25 10.00
CA GLY D 99 2.67 53.43 9.96
C GLY D 99 3.07 53.89 11.35
N ARG D 100 4.19 54.60 11.46
CA ARG D 100 4.63 55.20 12.71
C ARG D 100 4.64 56.73 12.60
N LEU D 101 3.49 57.35 12.88
CA LEU D 101 3.27 58.79 12.67
C LEU D 101 4.28 59.72 13.36
N ARG D 102 4.56 59.47 14.64
CA ARG D 102 5.51 60.31 15.38
C ARG D 102 6.85 60.41 14.64
N ARG D 103 7.24 59.32 13.99
CA ARG D 103 8.54 59.24 13.36
C ARG D 103 8.51 59.55 11.86
N GLY D 104 7.42 60.09 11.37
CA GLY D 104 7.34 60.49 9.98
C GLY D 104 6.54 59.57 9.08
N GLY D 105 6.09 58.46 9.64
CA GLY D 105 5.13 57.60 8.95
C GLY D 105 5.68 56.44 8.13
N TYR D 106 6.91 56.02 8.41
CA TYR D 106 7.45 54.82 7.77
C TYR D 106 6.65 53.60 8.24
N PHE D 107 6.70 52.50 7.51
CA PHE D 107 5.94 51.31 7.88
C PHE D 107 6.81 50.41 8.75
N ASP D 108 6.30 49.97 9.90
CA ASP D 108 7.14 49.12 10.76
C ASP D 108 6.71 47.65 10.82
N TYR D 109 5.48 47.36 10.42
CA TYR D 109 4.99 45.98 10.33
C TYR D 109 4.13 45.79 9.09
N TRP D 110 4.34 44.67 8.41
CA TRP D 110 3.58 44.32 7.22
C TRP D 110 2.71 43.09 7.44
N GLY D 111 1.51 43.08 6.86
CA GLY D 111 0.69 41.87 6.83
C GLY D 111 1.30 40.79 5.95
N GLN D 112 0.70 39.60 5.92
CA GLN D 112 1.30 38.49 5.16
C GLN D 112 0.98 38.55 3.68
N GLY D 113 0.11 39.50 3.30
CA GLY D 113 -0.22 39.73 1.92
C GLY D 113 -1.44 38.95 1.46
N THR D 114 -2.16 39.52 0.51
CA THR D 114 -3.30 38.84 -0.09
C THR D 114 -3.12 38.85 -1.61
N THR D 115 -3.17 37.67 -2.23
CA THR D 115 -3.04 37.55 -3.68
C THR D 115 -4.39 37.74 -4.36
N LEU D 116 -4.51 38.78 -5.19
CA LEU D 116 -5.73 39.04 -5.94
C LEU D 116 -5.52 38.62 -7.39
N THR D 117 -6.41 37.78 -7.91
CA THR D 117 -6.35 37.40 -9.31
C THR D 117 -7.62 37.91 -9.96
N VAL D 118 -7.45 38.76 -10.97
CA VAL D 118 -8.58 39.26 -11.74
C VAL D 118 -8.63 38.49 -13.05
N SER D 119 -9.66 37.66 -13.18
CA SER D 119 -9.74 36.72 -14.30
C SER D 119 -11.17 36.21 -14.48
N SER D 120 -11.49 35.82 -15.72
CA SER D 120 -12.80 35.27 -16.06
C SER D 120 -12.86 33.78 -15.77
N ALA D 121 -11.70 33.17 -15.57
CA ALA D 121 -11.61 31.72 -15.40
C ALA D 121 -12.26 31.29 -14.07
N LYS D 122 -12.84 30.10 -14.04
CA LYS D 122 -13.53 29.64 -12.85
C LYS D 122 -12.59 29.01 -11.81
N THR D 123 -13.01 29.08 -10.55
CA THR D 123 -12.29 28.40 -9.46
C THR D 123 -12.20 26.89 -9.70
N THR D 124 -11.00 26.32 -9.59
CA THR D 124 -10.79 24.90 -9.82
C THR D 124 -9.90 24.34 -8.72
N PRO D 125 -10.38 23.32 -7.98
CA PRO D 125 -9.55 22.77 -6.91
C PRO D 125 -8.50 21.83 -7.49
N PRO D 126 -7.37 21.66 -6.78
CA PRO D 126 -6.26 20.86 -7.30
C PRO D 126 -6.52 19.37 -7.17
N SER D 127 -5.96 18.59 -8.10
CA SER D 127 -5.84 17.16 -7.89
C SER D 127 -4.48 16.94 -7.25
N VAL D 128 -4.40 16.03 -6.30
CA VAL D 128 -3.14 15.81 -5.59
C VAL D 128 -2.73 14.35 -5.72
N TYR D 129 -1.50 14.12 -6.20
CA TYR D 129 -0.98 12.76 -6.36
C TYR D 129 0.29 12.61 -5.56
N PRO D 130 0.41 11.51 -4.81
CA PRO D 130 1.67 11.28 -4.07
C PRO D 130 2.76 10.87 -5.04
N LEU D 131 3.97 11.30 -4.74
CA LEU D 131 5.15 10.89 -5.49
C LEU D 131 6.04 10.02 -4.60
N ALA D 132 6.09 8.72 -4.90
CA ALA D 132 6.93 7.79 -4.17
C ALA D 132 7.69 6.92 -5.14
N PRO D 133 8.86 6.42 -4.71
CA PRO D 133 9.54 5.41 -5.53
C PRO D 133 8.70 4.15 -5.73
N GLY D 134 8.89 3.48 -6.87
CA GLY D 134 8.19 2.24 -7.15
C GLY D 134 8.41 1.18 -6.09
N CYS D 135 9.64 1.10 -5.60
CA CYS D 135 10.04 0.13 -4.58
C CYS D 135 10.63 0.83 -3.36
N GLY D 136 10.20 0.42 -2.17
CA GLY D 136 10.59 1.12 -0.94
C GLY D 136 11.92 0.73 -0.34
N ASP D 137 12.34 -0.51 -0.56
CA ASP D 137 13.58 -1.00 0.04
C ASP D 137 14.80 -0.46 -0.69
N THR D 138 15.77 0.02 0.07
CA THR D 138 17.04 0.49 -0.48
C THR D 138 18.10 0.43 0.61
N THR D 139 19.36 0.26 0.23
CA THR D 139 20.42 0.35 1.23
C THR D 139 21.00 1.76 1.35
N GLY D 140 20.43 2.70 0.59
CA GLY D 140 20.77 4.11 0.73
C GLY D 140 20.27 4.69 2.04
N SER D 141 20.69 5.91 2.37
CA SER D 141 20.43 6.49 3.69
C SER D 141 19.17 7.33 3.74
N SER D 142 18.78 7.91 2.62
CA SER D 142 17.68 8.86 2.59
C SER D 142 16.69 8.46 1.52
N VAL D 143 15.44 8.89 1.69
CA VAL D 143 14.43 8.75 0.65
C VAL D 143 13.74 10.10 0.46
N THR D 144 13.61 10.51 -0.80
CA THR D 144 12.90 11.75 -1.11
C THR D 144 11.50 11.38 -1.58
N LEU D 145 10.50 12.12 -1.09
CA LEU D 145 9.10 11.86 -1.43
C LEU D 145 8.52 13.18 -1.88
N GLY D 146 7.36 13.14 -2.52
CA GLY D 146 6.76 14.39 -2.97
C GLY D 146 5.27 14.32 -3.17
N CYS D 147 4.68 15.49 -3.44
CA CYS D 147 3.30 15.55 -3.89
C CYS D 147 3.20 16.46 -5.10
N LEU D 148 2.46 16.00 -6.10
CA LEU D 148 2.20 16.77 -7.30
C LEU D 148 0.81 17.37 -7.17
N VAL D 149 0.72 18.70 -7.25
CA VAL D 149 -0.54 19.41 -7.04
C VAL D 149 -0.95 20.03 -8.38
N LYS D 150 -1.92 19.41 -9.03
CA LYS D 150 -2.15 19.64 -10.47
C LYS D 150 -3.51 20.25 -10.80
N GLY D 151 -3.51 21.22 -11.71
CA GLY D 151 -4.76 21.70 -12.30
C GLY D 151 -5.65 22.52 -11.38
N TYR D 152 -5.10 23.58 -10.79
CA TYR D 152 -5.90 24.43 -9.92
C TYR D 152 -5.89 25.91 -10.33
N PHE D 153 -6.85 26.67 -9.79
CA PHE D 153 -6.98 28.09 -10.10
C PHE D 153 -7.90 28.73 -9.06
N PRO D 154 -7.56 29.89 -8.50
CA PRO D 154 -6.33 30.63 -8.73
C PRO D 154 -5.10 30.08 -7.96
N GLU D 155 -3.97 30.76 -7.99
CA GLU D 155 -2.65 30.25 -7.59
C GLU D 155 -2.63 29.73 -6.20
N SER D 156 -1.98 30.41 -5.28
CA SER D 156 -2.21 30.18 -3.89
C SER D 156 -2.59 28.78 -3.34
N VAL D 157 -1.66 27.85 -3.18
CA VAL D 157 -1.95 26.66 -2.37
C VAL D 157 -0.87 26.59 -1.34
N THR D 158 -1.10 25.92 -0.23
CA THR D 158 -0.06 25.66 0.76
C THR D 158 0.05 24.15 0.92
N VAL D 159 1.27 23.64 0.93
CA VAL D 159 1.49 22.22 1.15
C VAL D 159 2.15 22.04 2.50
N THR D 160 1.55 21.23 3.35
CA THR D 160 2.09 20.96 4.68
C THR D 160 2.45 19.48 4.81
N TRP D 161 3.66 19.18 5.26
CA TRP D 161 4.07 17.79 5.45
C TRP D 161 3.93 17.33 6.89
N ASN D 162 3.38 16.14 7.08
CA ASN D 162 3.31 15.48 8.39
C ASN D 162 4.14 14.20 8.33
N SER D 163 5.31 14.20 8.97
CA SER D 163 6.26 13.09 8.79
C SER D 163 6.74 12.33 10.04
N GLY D 164 6.69 12.95 11.22
CA GLY D 164 7.18 12.29 12.42
C GLY D 164 8.69 12.35 12.54
N SER D 165 9.36 12.29 11.40
CA SER D 165 10.70 12.85 11.30
C SER D 165 10.49 14.32 11.59
N LEU D 166 9.26 14.77 11.37
CA LEU D 166 8.87 16.18 11.25
C LEU D 166 9.93 16.94 10.50
N SER D 167 10.29 16.37 9.35
CA SER D 167 11.33 16.88 8.50
C SER D 167 10.96 18.27 8.01
N SER D 168 11.97 19.14 7.96
CA SER D 168 11.83 20.49 7.43
C SER D 168 12.76 20.57 6.22
N SER D 169 13.29 19.42 5.84
CA SER D 169 14.07 19.28 4.62
C SER D 169 13.07 19.22 3.46
N VAL D 170 12.39 20.34 3.26
CA VAL D 170 11.27 20.47 2.31
C VAL D 170 11.64 21.46 1.21
N HIS D 171 11.20 21.17 -0.01
CA HIS D 171 11.29 22.13 -1.11
C HIS D 171 9.91 22.39 -1.67
N THR D 172 9.60 23.68 -1.87
CA THR D 172 8.33 24.07 -2.47
C THR D 172 8.63 24.60 -3.87
N PHE D 173 8.11 23.93 -4.89
CA PHE D 173 8.41 24.32 -6.26
C PHE D 173 7.32 25.26 -6.71
N PRO D 174 7.71 26.46 -7.16
CA PRO D 174 6.76 27.54 -7.49
C PRO D 174 5.74 27.06 -8.52
N ALA D 175 4.49 27.52 -8.40
CA ALA D 175 3.45 27.13 -9.33
C ALA D 175 3.73 27.71 -10.70
N LEU D 176 3.43 26.95 -11.73
CA LEU D 176 3.52 27.40 -13.12
C LEU D 176 2.25 27.01 -13.87
N LEU D 177 2.10 27.53 -15.08
CA LEU D 177 0.91 27.23 -15.88
C LEU D 177 1.03 25.96 -16.70
N GLN D 178 -0.03 25.17 -16.69
CA GLN D 178 -0.15 23.96 -17.50
C GLN D 178 -1.61 23.79 -17.91
N SER D 179 -1.87 23.84 -19.22
CA SER D 179 -3.24 23.69 -19.74
C SER D 179 -4.24 24.67 -19.12
N GLY D 180 -3.81 25.92 -18.94
CA GLY D 180 -4.68 26.97 -18.44
C GLY D 180 -4.93 26.93 -16.95
N LEU D 181 -4.19 26.06 -16.26
CA LEU D 181 -4.34 25.95 -14.81
C LEU D 181 -2.96 25.86 -14.19
N TYR D 182 -2.90 26.05 -12.88
CA TYR D 182 -1.62 25.98 -12.17
C TYR D 182 -1.29 24.56 -11.72
N THR D 183 0.01 24.25 -11.74
CA THR D 183 0.54 23.01 -11.19
C THR D 183 1.75 23.37 -10.37
N MET D 184 1.89 22.76 -9.20
CA MET D 184 3.11 22.90 -8.42
C MET D 184 3.43 21.55 -7.82
N SER D 185 4.58 21.45 -7.16
CA SER D 185 4.96 20.22 -6.50
C SER D 185 5.73 20.58 -5.25
N SER D 186 5.87 19.60 -4.36
CA SER D 186 6.60 19.79 -3.10
C SER D 186 7.36 18.51 -2.80
N SER D 187 8.55 18.64 -2.20
CA SER D 187 9.31 17.45 -1.82
C SER D 187 9.73 17.50 -0.37
N VAL D 188 9.94 16.32 0.21
CA VAL D 188 10.48 16.21 1.56
C VAL D 188 11.42 15.04 1.54
N THR D 189 12.51 15.12 2.32
CA THR D 189 13.47 14.05 2.41
C THR D 189 13.50 13.53 3.84
N VAL D 190 13.43 12.22 4.01
CA VAL D 190 13.41 11.60 5.33
C VAL D 190 14.42 10.45 5.36
N PRO D 191 14.83 10.02 6.57
CA PRO D 191 15.77 8.89 6.60
C PRO D 191 15.12 7.61 6.09
N SER D 192 15.86 6.77 5.36
CA SER D 192 15.27 5.56 4.78
C SER D 192 14.73 4.60 5.84
N SER D 193 15.29 4.66 7.04
CA SER D 193 14.85 3.80 8.14
CA SER D 193 14.83 3.77 8.11
C SER D 193 13.42 4.12 8.56
N THR D 194 12.97 5.34 8.25
CA THR D 194 11.67 5.83 8.72
C THR D 194 10.53 5.70 7.70
N TRP D 195 10.86 5.40 6.45
CA TRP D 195 9.84 5.24 5.41
C TRP D 195 10.19 4.06 4.51
N PRO D 196 9.20 3.20 4.19
CA PRO D 196 7.78 3.43 4.47
C PRO D 196 7.24 3.01 5.85
N SER D 197 8.07 2.61 6.79
CA SER D 197 7.57 2.23 8.12
C SER D 197 6.59 3.24 8.75
N GLN D 198 7.02 4.51 8.87
CA GLN D 198 6.17 5.54 9.47
C GLN D 198 5.45 6.33 8.39
N THR D 199 4.30 6.87 8.76
CA THR D 199 3.47 7.62 7.81
C THR D 199 4.06 8.97 7.44
N VAL D 200 4.03 9.26 6.15
CA VAL D 200 4.33 10.59 5.64
C VAL D 200 3.13 11.02 4.81
N THR D 201 2.59 12.18 5.16
CA THR D 201 1.40 12.71 4.50
C THR D 201 1.63 14.14 4.01
N CYS D 202 1.13 14.46 2.83
CA CYS D 202 1.14 15.86 2.40
C CYS D 202 -0.27 16.40 2.48
N SER D 203 -0.42 17.58 3.10
CA SER D 203 -1.71 18.24 3.27
C SER D 203 -1.73 19.46 2.37
N VAL D 204 -2.71 19.52 1.48
CA VAL D 204 -2.73 20.57 0.49
C VAL D 204 -3.96 21.43 0.68
N ALA D 205 -3.76 22.69 1.03
CA ALA D 205 -4.87 23.60 1.28
C ALA D 205 -5.01 24.58 0.14
N HIS D 206 -6.23 24.74 -0.36
CA HIS D 206 -6.51 25.72 -1.39
C HIS D 206 -7.62 26.64 -0.89
N PRO D 207 -7.23 27.82 -0.40
CA PRO D 207 -8.16 28.71 0.32
C PRO D 207 -9.26 29.22 -0.60
N ALA D 208 -8.90 29.57 -1.83
CA ALA D 208 -9.84 30.17 -2.79
C ALA D 208 -10.96 29.20 -3.17
N SER D 209 -10.70 27.90 -3.03
CA SER D 209 -11.73 26.90 -3.30
C SER D 209 -12.18 26.24 -2.00
N SER D 210 -11.64 26.74 -0.88
CA SER D 210 -11.96 26.24 0.46
C SER D 210 -11.80 24.74 0.61
N THR D 211 -10.83 24.16 -0.10
CA THR D 211 -10.60 22.72 -0.06
C THR D 211 -9.32 22.37 0.69
N THR D 212 -9.28 21.16 1.24
CA THR D 212 -8.07 20.63 1.86
C THR D 212 -7.99 19.13 1.61
N VAL D 213 -6.92 18.70 0.94
CA VAL D 213 -6.73 17.29 0.65
C VAL D 213 -5.52 16.72 1.40
N ASP D 214 -5.57 15.42 1.68
CA ASP D 214 -4.48 14.76 2.39
C ASP D 214 -4.16 13.40 1.77
N LYS D 215 -2.99 13.30 1.14
CA LYS D 215 -2.58 12.05 0.51
C LYS D 215 -1.45 11.39 1.30
N LYS D 216 -1.53 10.07 1.41
CA LYS D 216 -0.52 9.30 2.14
C LYS D 216 0.60 8.83 1.20
N LEU D 217 1.82 8.79 1.72
CA LEU D 217 2.96 8.35 0.93
C LEU D 217 3.14 6.84 0.99
N GLU D 218 2.80 6.17 -0.11
CA GLU D 218 2.92 4.72 -0.20
C GLU D 218 3.75 4.30 -1.41
N PRO D 219 4.48 3.20 -1.26
CA PRO D 219 5.33 2.69 -2.34
C PRO D 219 4.46 2.41 -3.56
N SER D 220 4.90 2.79 -4.76
CA SER D 220 4.08 2.63 -5.96
C SER D 220 4.32 1.29 -6.65
S SO4 E . 11.89 -7.87 16.35
O1 SO4 E . 11.73 -7.82 14.89
O2 SO4 E . 12.96 -8.78 16.71
O3 SO4 E . 12.23 -6.53 16.82
O4 SO4 E . 10.63 -8.29 16.94
S SO4 F . -2.33 -28.52 15.75
O1 SO4 F . -2.64 -29.95 15.79
O2 SO4 F . -3.06 -27.94 14.62
O3 SO4 F . -2.73 -27.89 17.00
O4 SO4 F . -0.90 -28.32 15.57
S SO4 G . -4.74 -55.07 -25.43
O1 SO4 G . -5.08 -56.47 -25.16
O2 SO4 G . -5.35 -54.67 -26.69
O3 SO4 G . -5.26 -54.24 -24.34
O4 SO4 G . -3.28 -54.93 -25.50
S SO4 H . 10.85 -14.49 21.84
O1 SO4 H . 10.81 -15.84 22.40
O2 SO4 H . 11.23 -14.57 20.44
O3 SO4 H . 11.84 -13.70 22.57
O4 SO4 H . 9.54 -13.87 21.97
S SO4 I . -16.70 -32.27 3.86
O1 SO4 I . -15.41 -32.68 4.43
O2 SO4 I . -17.44 -33.44 3.38
O3 SO4 I . -17.49 -31.63 4.91
O4 SO4 I . -16.47 -31.34 2.77
S SO4 J . -31.71 -11.45 16.96
O1 SO4 J . -31.77 -12.66 17.76
O2 SO4 J . -32.69 -11.56 15.89
O3 SO4 J . -32.01 -10.29 17.79
O4 SO4 J . -30.38 -11.28 16.37
S SO4 K . -26.48 -5.94 4.76
O1 SO4 K . -25.36 -6.69 4.22
O2 SO4 K . -27.71 -6.37 4.10
O3 SO4 K . -26.58 -6.21 6.20
O4 SO4 K . -26.27 -4.51 4.54
S SO4 L . -21.57 -12.45 27.76
O1 SO4 L . -21.81 -12.15 26.35
O2 SO4 L . -22.31 -13.66 28.11
O3 SO4 L . -22.02 -11.33 28.57
O4 SO4 L . -20.15 -12.66 28.02
S SO4 M . -18.49 -59.19 14.25
O1 SO4 M . -17.73 -60.37 13.85
O2 SO4 M . -19.83 -59.60 14.67
O3 SO4 M . -17.79 -58.54 15.35
O4 SO4 M . -18.60 -58.27 13.11
S SO4 N . -19.09 -1.88 2.81
O1 SO4 N . -18.54 -1.88 1.47
O2 SO4 N . -20.30 -2.70 2.88
O3 SO4 N . -19.42 -0.52 3.22
O4 SO4 N . -18.10 -2.45 3.73
S SO4 O . 13.25 36.54 9.03
O1 SO4 O . 13.44 35.12 8.73
O2 SO4 O . 12.33 37.12 8.06
O3 SO4 O . 12.71 36.70 10.38
O4 SO4 O . 14.53 37.24 8.97
S SO4 P . 2.78 6.98 -28.46
O1 SO4 P . 1.88 7.10 -27.31
O2 SO4 P . 2.46 5.81 -29.26
O3 SO4 P . 4.17 6.91 -28.00
O4 SO4 P . 2.59 8.16 -29.30
S SO4 Q . 28.05 20.89 0.14
O1 SO4 Q . 27.93 19.45 0.25
O2 SO4 Q . 28.48 21.24 -1.21
O3 SO4 Q . 29.07 21.35 1.09
O4 SO4 Q . 26.79 21.55 0.42
S SO4 R . 19.44 45.09 19.79
O1 SO4 R . 19.94 44.13 20.77
O2 SO4 R . 18.77 44.36 18.71
O3 SO4 R . 18.49 46.02 20.41
O4 SO4 R . 20.55 45.86 19.25
S SO4 S . 5.53 36.20 6.38
O1 SO4 S . 4.38 36.25 7.28
O2 SO4 S . 5.32 35.14 5.40
O3 SO4 S . 6.75 35.92 7.14
O4 SO4 S . 5.65 37.48 5.70
S SO4 T . 10.68 50.56 18.08
O1 SO4 T . 11.08 49.51 19.00
O2 SO4 T . 10.15 49.92 16.88
O3 SO4 T . 9.66 51.41 18.69
O4 SO4 T . 11.85 51.39 17.75
S SO4 U . -20.42 33.21 -14.52
O1 SO4 U . -20.96 31.90 -14.14
O2 SO4 U . -19.71 33.10 -15.79
O3 SO4 U . -19.54 33.69 -13.46
O4 SO4 U . -21.54 34.13 -14.67
S SO4 V . -6.78 62.64 -1.24
O1 SO4 V . -5.64 61.72 -1.12
O2 SO4 V . -7.98 62.03 -0.69
O3 SO4 V . -6.46 63.88 -0.52
O4 SO4 V . -6.99 62.95 -2.66
S SO4 W . -3.20 61.70 9.98
O1 SO4 W . -3.00 60.37 10.54
O2 SO4 W . -4.53 61.81 9.39
O3 SO4 W . -3.06 62.69 11.03
O4 SO4 W . -2.18 61.94 8.95
#